data_3QTY
#
_entry.id   3QTY
#
_cell.length_a   65.482
_cell.length_b   88.721
_cell.length_c   112.982
_cell.angle_alpha   90.00
_cell.angle_beta   90.00
_cell.angle_gamma   90.00
#
_symmetry.space_group_name_H-M   'P 21 21 21'
#
loop_
_entity.id
_entity.type
_entity.pdbx_description
1 polymer 'Phosphoribosylaminoimidazole (AIR) synthetase'
2 non-polymer 'SULFATE ION'
3 non-polymer 2-AMINO-2-HYDROXYMETHYL-PROPANE-1,3-DIOL
4 non-polymer 'PYROPHOSPHATE 2-'
5 non-polymer 'PHOSPHATE ION'
6 non-polymer 'FORMIC ACID'
7 water water
#
_entity_poly.entity_id   1
_entity_poly.type   'polypeptide(L)'
_entity_poly.pdbx_seq_one_letter_code
;SNA(MSE)AGLKYEDAGVNIEAGNQAVER(MSE)KQHVKKTFTQDVLTGLGSFGSLYSLKNIINNYDDPVLVQSIDGVGT
KTKVAV(MSE)CGKFENLGYDLFSAATNDIVV(MSE)GAKPITFLDYVAHDKLDPAI(MSE)EELVKG(MSE)SKACAEC
GVSLVGGETAE(MSE)PGVYQAGEID(MSE)VGVITGIVDRKRIINGENIKEGDIVFGLSSSGLHTNGYSFARKLFFDVA
GNKHTDTYPELEGKTIGDVLLEPHINYTNIIHDFLDNGVDIKG(MSE)AHITGGGFIENIPRVLPQGLGAQIDKDSFATP
AIFKL(MSE)QRIGDISEFE(MSE)YRSFN(MSE)GIG(MSE)TIIASQDQFDK(MSE)QELAKKHTNTKLYQIGKITNS
GKVEII
;
_entity_poly.pdbx_strand_id   A,B
#
# COMPACT_ATOMS: atom_id res chain seq x y z
N ALA A 3 -36.96 35.94 0.85
CA ALA A 3 -38.16 35.71 0.07
C ALA A 3 -39.37 36.21 0.83
N ALA A 5 -43.00 36.11 2.73
CA ALA A 5 -43.56 35.19 3.71
C ALA A 5 -44.66 34.29 3.13
N GLY A 6 -44.81 33.12 3.73
CA GLY A 6 -45.94 32.25 3.45
C GLY A 6 -45.69 31.25 2.33
N LEU A 7 -44.43 31.09 1.96
CA LEU A 7 -44.06 30.24 0.83
C LEU A 7 -43.25 29.05 1.30
N LYS A 8 -43.23 27.99 0.52
CA LYS A 8 -42.36 26.86 0.82
C LYS A 8 -40.89 27.27 0.67
N TYR A 9 -40.03 26.77 1.55
CA TYR A 9 -38.60 26.91 1.32
C TYR A 9 -38.23 25.98 0.15
N GLU A 10 -37.53 26.52 -0.83
CA GLU A 10 -37.23 25.77 -2.05
C GLU A 10 -36.29 24.60 -1.79
N ASP A 11 -35.30 24.82 -0.94
CA ASP A 11 -34.26 23.84 -0.65
C ASP A 11 -34.58 22.95 0.55
N ALA A 12 -35.81 23.05 1.06
CA ALA A 12 -36.23 22.31 2.25
C ALA A 12 -35.95 20.81 2.17
N GLY A 13 -35.32 20.27 3.20
CA GLY A 13 -35.06 18.85 3.27
C GLY A 13 -33.76 18.44 2.63
N VAL A 14 -33.19 19.29 1.78
CA VAL A 14 -31.90 18.92 1.22
C VAL A 14 -30.86 19.69 1.97
N ASN A 15 -30.15 19.03 2.88
CA ASN A 15 -29.04 19.70 3.51
C ASN A 15 -27.79 18.91 3.19
N ILE A 16 -27.04 19.39 2.21
CA ILE A 16 -25.95 18.59 1.69
C ILE A 16 -24.69 19.36 1.95
N GLU A 17 -23.84 18.80 2.81
CA GLU A 17 -22.64 19.50 3.23
C GLU A 17 -21.60 19.51 2.10
N ALA A 18 -20.96 20.66 1.91
CA ALA A 18 -19.90 20.80 0.92
C ALA A 18 -18.85 19.72 1.15
N GLY A 19 -18.35 19.13 0.07
CA GLY A 19 -17.38 18.05 0.16
C GLY A 19 -16.13 18.36 0.97
N ASN A 20 -15.71 19.63 0.93
N ASN A 20 -15.68 19.61 0.93
CA ASN A 20 -14.48 20.05 1.61
CA ASN A 20 -14.45 20.00 1.61
C ASN A 20 -14.56 19.93 3.12
C ASN A 20 -14.55 19.98 3.14
N GLN A 21 -15.76 19.84 3.66
CA GLN A 21 -15.96 19.72 5.11
C GLN A 21 -15.41 18.41 5.65
N ALA A 22 -15.81 17.30 5.04
CA ALA A 22 -15.33 15.99 5.46
C ALA A 22 -13.81 15.91 5.26
N VAL A 23 -13.35 16.40 4.11
CA VAL A 23 -11.91 16.42 3.83
C VAL A 23 -11.16 17.13 4.96
N GLU A 24 -11.63 18.30 5.36
CA GLU A 24 -10.98 19.04 6.42
C GLU A 24 -10.96 18.27 7.75
N ARG A 25 -12.07 17.61 8.09
CA ARG A 25 -12.09 16.81 9.31
C ARG A 25 -11.06 15.68 9.26
N LYS A 27 -8.33 15.66 7.50
CA LYS A 27 -7.02 16.29 7.59
C LYS A 27 -6.63 16.56 9.04
N GLN A 28 -7.58 17.03 9.83
CA GLN A 28 -7.33 17.28 11.24
C GLN A 28 -6.95 16.00 11.99
N HIS A 29 -7.66 14.92 11.70
CA HIS A 29 -7.31 13.64 12.31
C HIS A 29 -5.91 13.18 11.91
N VAL A 30 -5.58 13.29 10.62
CA VAL A 30 -4.27 12.86 10.15
C VAL A 30 -3.15 13.68 10.78
N LYS A 31 -3.35 14.99 10.87
CA LYS A 31 -2.35 15.89 11.41
C LYS A 31 -1.96 15.55 12.85
N LYS A 32 -2.89 14.97 13.59
CA LYS A 32 -2.61 14.61 14.97
C LYS A 32 -1.52 13.54 15.06
N THR A 33 -1.24 12.86 13.95
CA THR A 33 -0.23 11.80 13.96
C THR A 33 1.18 12.33 13.74
N PHE A 34 1.30 13.59 13.30
CA PHE A 34 2.60 14.11 12.88
C PHE A 34 3.58 14.30 14.04
N THR A 35 4.80 13.79 13.86
CA THR A 35 5.91 14.10 14.76
C THR A 35 6.68 15.28 14.19
N GLN A 36 7.73 15.69 14.92
N GLN A 36 7.72 15.72 14.89
CA GLN A 36 8.59 16.79 14.49
CA GLN A 36 8.52 16.85 14.41
C GLN A 36 9.23 16.50 13.13
C GLN A 36 9.34 16.50 13.17
N ASP A 37 9.37 15.21 12.82
CA ASP A 37 10.07 14.78 11.61
C ASP A 37 9.26 14.99 10.33
N VAL A 38 7.96 15.23 10.45
CA VAL A 38 7.09 15.39 9.28
C VAL A 38 7.26 16.75 8.62
N LEU A 39 7.30 16.75 7.29
CA LEU A 39 7.28 17.99 6.50
C LEU A 39 6.15 17.94 5.47
N THR A 40 5.79 19.10 4.93
CA THR A 40 4.74 19.19 3.92
C THR A 40 5.02 18.30 2.70
N GLY A 41 4.00 17.53 2.31
CA GLY A 41 4.12 16.63 1.18
C GLY A 41 3.34 17.09 -0.05
N LEU A 42 2.97 16.13 -0.88
CA LEU A 42 2.27 16.37 -2.13
C LEU A 42 0.78 16.04 -2.00
N GLY A 43 -0.09 16.94 -2.47
CA GLY A 43 -1.52 16.72 -2.44
C GLY A 43 -2.16 17.08 -1.11
N SER A 44 -3.44 16.76 -0.95
CA SER A 44 -4.15 17.12 0.27
C SER A 44 -3.56 16.45 1.50
N PHE A 45 -3.43 15.14 1.42
CA PHE A 45 -2.95 14.31 2.53
C PHE A 45 -1.47 13.89 2.52
N GLY A 46 -0.71 14.34 1.52
CA GLY A 46 0.70 14.00 1.42
C GLY A 46 1.65 14.68 2.39
N SER A 47 2.49 13.89 3.05
CA SER A 47 3.57 14.44 3.88
C SER A 47 4.86 13.72 3.54
N LEU A 48 5.99 14.31 3.93
CA LEU A 48 7.28 13.64 3.80
C LEU A 48 7.85 13.45 5.20
N TYR A 49 8.97 12.75 5.30
CA TYR A 49 9.52 12.43 6.61
C TYR A 49 11.01 12.64 6.64
N SER A 50 11.46 13.58 7.47
CA SER A 50 12.88 13.82 7.60
C SER A 50 13.56 12.69 8.37
N LEU A 51 14.71 12.24 7.86
CA LEU A 51 15.47 11.16 8.48
C LEU A 51 16.55 11.67 9.44
N LYS A 52 16.63 12.98 9.58
CA LYS A 52 17.71 13.61 10.35
C LYS A 52 17.88 12.98 11.73
N ASN A 53 16.78 12.89 12.47
CA ASN A 53 16.84 12.31 13.81
C ASN A 53 17.23 10.84 13.83
N ILE A 54 16.65 10.06 12.93
CA ILE A 54 17.02 8.66 12.80
C ILE A 54 18.52 8.47 12.59
N ILE A 55 19.10 9.30 11.73
CA ILE A 55 20.52 9.18 11.41
C ILE A 55 21.37 9.49 12.63
N ASN A 56 20.85 10.36 13.49
CA ASN A 56 21.55 10.71 14.72
C ASN A 56 21.42 9.66 15.83
N ASN A 57 20.27 8.99 15.88
CA ASN A 57 20.00 8.06 16.98
C ASN A 57 20.29 6.59 16.68
N TYR A 58 20.72 6.29 15.47
CA TYR A 58 21.02 4.92 15.07
C TYR A 58 22.42 4.83 14.53
N ASP A 59 23.16 3.81 14.94
CA ASP A 59 24.51 3.59 14.43
C ASP A 59 24.46 3.15 12.97
N ASP A 60 23.58 2.21 12.66
CA ASP A 60 23.51 1.58 11.34
C ASP A 60 22.06 1.26 10.94
N PRO A 61 21.24 2.30 10.69
CA PRO A 61 19.79 2.09 10.54
C PRO A 61 19.40 1.32 9.29
N VAL A 62 18.41 0.45 9.44
CA VAL A 62 17.89 -0.38 8.37
C VAL A 62 16.40 -0.10 8.24
N LEU A 63 15.94 0.09 7.01
CA LEU A 63 14.54 0.39 6.72
C LEU A 63 13.76 -0.92 6.60
N VAL A 64 12.75 -1.06 7.44
CA VAL A 64 11.98 -2.29 7.53
C VAL A 64 10.52 -1.98 7.16
N GLN A 65 9.97 -2.69 6.19
CA GLN A 65 8.65 -2.37 5.67
C GLN A 65 7.80 -3.60 5.49
N SER A 66 6.49 -3.39 5.60
CA SER A 66 5.55 -4.47 5.34
C SER A 66 4.25 -3.92 4.83
N ILE A 67 3.60 -4.70 3.97
CA ILE A 67 2.30 -4.31 3.39
C ILE A 67 1.31 -5.42 3.71
N ASP A 68 0.11 -5.03 4.10
N ASP A 68 0.11 -5.06 4.13
CA ASP A 68 -0.88 -5.99 4.59
CA ASP A 68 -0.90 -6.07 4.41
C ASP A 68 -2.30 -5.48 4.31
C ASP A 68 -2.30 -5.49 4.30
N GLY A 69 -3.25 -6.39 4.10
CA GLY A 69 -4.65 -6.02 4.01
C GLY A 69 -5.41 -6.44 5.26
N VAL A 70 -6.62 -5.94 5.42
CA VAL A 70 -7.48 -6.39 6.51
C VAL A 70 -8.03 -7.78 6.17
N GLY A 71 -8.48 -7.95 4.92
CA GLY A 71 -9.06 -9.21 4.50
C GLY A 71 -10.58 -9.20 4.66
N THR A 72 -11.19 -10.37 4.64
CA THR A 72 -12.65 -10.43 4.60
C THR A 72 -13.37 -9.92 5.84
N LYS A 73 -12.63 -9.59 6.89
CA LYS A 73 -13.25 -8.95 8.04
C LYS A 73 -14.03 -7.69 7.61
N THR A 74 -13.60 -7.01 6.56
CA THR A 74 -14.33 -5.82 6.10
C THR A 74 -15.77 -6.16 5.73
N LYS A 75 -16.00 -7.36 5.21
CA LYS A 75 -17.31 -7.75 4.73
C LYS A 75 -18.22 -7.88 5.93
N VAL A 76 -17.65 -8.34 7.04
CA VAL A 76 -18.40 -8.43 8.28
C VAL A 76 -18.73 -7.04 8.80
N ALA A 77 -17.76 -6.13 8.74
CA ALA A 77 -17.99 -4.75 9.18
C ALA A 77 -19.09 -4.10 8.34
N VAL A 78 -19.05 -4.33 7.04
CA VAL A 78 -20.06 -3.74 6.15
C VAL A 78 -21.45 -4.21 6.51
N CYS A 80 -22.55 -5.31 9.23
CA CYS A 80 -22.93 -4.85 10.58
C CYS A 80 -23.07 -3.34 10.63
N GLY A 81 -22.62 -2.68 9.58
CA GLY A 81 -22.55 -1.23 9.59
C GLY A 81 -21.67 -0.73 10.71
N LYS A 82 -20.67 -1.52 11.09
N LYS A 82 -20.69 -1.54 11.12
CA LYS A 82 -19.76 -1.13 12.16
CA LYS A 82 -19.77 -1.10 12.18
C LYS A 82 -18.33 -0.98 11.64
C LYS A 82 -18.35 -0.98 11.64
N PHE A 83 -17.92 0.26 11.42
CA PHE A 83 -16.60 0.55 10.86
C PHE A 83 -15.54 1.05 11.84
N GLU A 84 -15.94 1.29 13.08
N GLU A 84 -15.96 1.25 13.08
CA GLU A 84 -15.09 2.06 13.98
CA GLU A 84 -15.16 2.01 14.05
C GLU A 84 -13.82 1.36 14.46
C GLU A 84 -13.83 1.36 14.41
N ASN A 85 -13.77 0.03 14.33
CA ASN A 85 -12.53 -0.69 14.69
C ASN A 85 -11.61 -1.06 13.51
N LEU A 86 -12.05 -0.83 12.28
CA LEU A 86 -11.28 -1.33 11.12
C LEU A 86 -9.96 -0.60 10.93
N GLY A 87 -9.92 0.68 11.26
CA GLY A 87 -8.69 1.43 11.13
C GLY A 87 -7.62 0.81 12.02
N TYR A 88 -8.05 0.37 13.21
CA TYR A 88 -7.13 -0.30 14.12
C TYR A 88 -6.72 -1.67 13.60
N ASP A 89 -7.69 -2.43 13.09
CA ASP A 89 -7.42 -3.72 12.45
C ASP A 89 -6.31 -3.61 11.39
N LEU A 90 -6.44 -2.65 10.49
CA LEU A 90 -5.47 -2.50 9.41
C LEU A 90 -4.11 -2.14 9.95
N PHE A 91 -4.08 -1.13 10.82
CA PHE A 91 -2.81 -0.70 11.38
C PHE A 91 -2.07 -1.83 12.09
N SER A 92 -2.77 -2.57 12.94
CA SER A 92 -2.15 -3.70 13.62
C SER A 92 -1.70 -4.81 12.67
N ALA A 93 -2.53 -5.11 11.67
CA ALA A 93 -2.21 -6.16 10.72
C ALA A 93 -0.85 -5.88 10.07
N ALA A 94 -0.60 -4.62 9.74
CA ALA A 94 0.68 -4.25 9.13
C ALA A 94 1.85 -4.12 10.10
N THR A 95 1.61 -3.41 11.20
N THR A 95 1.66 -3.40 11.21
CA THR A 95 2.69 -3.04 12.10
CA THR A 95 2.83 -3.11 12.00
C THR A 95 3.28 -4.26 12.82
C THR A 95 3.32 -4.26 12.89
N ASN A 96 2.42 -5.13 13.34
CA ASN A 96 2.87 -6.31 14.10
C ASN A 96 3.86 -7.13 13.27
N ASP A 97 3.78 -7.02 11.95
N ASP A 97 3.74 -7.00 11.96
CA ASP A 97 4.65 -7.82 11.11
CA ASP A 97 4.60 -7.73 11.04
C ASP A 97 6.09 -7.33 11.06
C ASP A 97 6.06 -7.34 11.23
N ILE A 98 6.33 -6.05 11.33
CA ILE A 98 7.71 -5.57 11.50
C ILE A 98 8.26 -5.51 12.93
N VAL A 99 7.39 -5.50 13.94
N VAL A 99 7.35 -5.49 13.90
CA VAL A 99 7.92 -5.36 15.29
CA VAL A 99 7.75 -5.39 15.30
C VAL A 99 8.56 -6.65 15.76
C VAL A 99 8.55 -6.62 15.71
N VAL A 100 8.27 -7.75 15.07
CA VAL A 100 8.92 -9.02 15.42
C VAL A 100 10.45 -8.94 15.28
N GLY A 102 12.17 -6.16 16.00
CA GLY A 102 12.63 -5.10 16.88
C GLY A 102 12.53 -3.73 16.25
N ALA A 103 11.92 -3.64 15.08
CA ALA A 103 11.83 -2.38 14.37
C ALA A 103 10.90 -1.40 15.08
N LYS A 104 11.27 -0.12 15.06
CA LYS A 104 10.39 0.94 15.54
C LYS A 104 9.63 1.54 14.37
N PRO A 105 8.29 1.42 14.35
CA PRO A 105 7.47 1.99 13.26
C PRO A 105 7.60 3.51 13.24
N ILE A 106 7.70 4.06 12.03
CA ILE A 106 7.83 5.50 11.79
C ILE A 106 6.70 6.09 10.93
N THR A 107 6.49 5.53 9.74
CA THR A 107 5.39 5.99 8.89
C THR A 107 4.37 4.93 8.49
N PHE A 108 3.20 5.41 8.08
CA PHE A 108 2.11 4.57 7.60
C PHE A 108 1.44 5.22 6.40
N LEU A 109 1.08 4.42 5.41
CA LEU A 109 0.22 4.87 4.32
C LEU A 109 -0.89 3.87 4.13
N ASP A 110 -2.04 4.34 3.65
CA ASP A 110 -3.17 3.43 3.46
C ASP A 110 -3.84 3.65 2.11
N TYR A 111 -4.44 2.58 1.60
CA TYR A 111 -5.23 2.58 0.39
C TYR A 111 -6.55 1.90 0.72
N VAL A 112 -7.65 2.58 0.41
CA VAL A 112 -8.97 1.97 0.63
C VAL A 112 -9.76 2.06 -0.67
N ALA A 113 -10.13 0.89 -1.20
CA ALA A 113 -10.92 0.82 -2.43
C ALA A 113 -12.34 0.46 -2.05
N HIS A 114 -13.31 0.99 -2.79
CA HIS A 114 -14.72 0.81 -2.48
C HIS A 114 -15.53 0.49 -3.74
N ASP A 115 -16.59 -0.28 -3.56
CA ASP A 115 -17.60 -0.40 -4.58
C ASP A 115 -18.23 0.97 -4.80
N LYS A 116 -18.58 1.64 -3.69
CA LYS A 116 -19.02 3.04 -3.72
C LYS A 116 -18.36 3.77 -2.57
N LEU A 117 -17.62 4.84 -2.86
CA LEU A 117 -16.94 5.54 -1.79
C LEU A 117 -17.92 6.45 -1.06
N ASP A 118 -18.11 6.18 0.24
CA ASP A 118 -19.02 6.98 1.07
C ASP A 118 -18.14 7.78 2.04
N PRO A 119 -18.15 9.12 1.91
CA PRO A 119 -17.29 9.96 2.74
C PRO A 119 -17.48 9.72 4.24
N ALA A 120 -18.70 9.44 4.69
CA ALA A 120 -18.94 9.19 6.11
C ALA A 120 -18.20 7.95 6.58
N ILE A 121 -18.19 6.91 5.75
CA ILE A 121 -17.48 5.68 6.11
C ILE A 121 -15.97 5.93 6.08
N GLU A 123 -14.51 8.78 6.60
CA GLU A 123 -14.20 9.59 7.78
C GLU A 123 -13.92 8.71 9.00
N GLU A 124 -14.72 7.66 9.18
CA GLU A 124 -14.56 6.79 10.34
C GLU A 124 -13.27 5.97 10.21
N LEU A 125 -12.98 5.49 9.01
CA LEU A 125 -11.75 4.71 8.80
C LEU A 125 -10.53 5.58 9.08
N VAL A 126 -10.56 6.81 8.60
CA VAL A 126 -9.44 7.72 8.82
C VAL A 126 -9.28 8.08 10.29
N LYS A 127 -10.40 8.28 10.99
CA LYS A 127 -10.35 8.49 12.45
C LYS A 127 -9.63 7.34 13.15
N GLY A 128 -10.05 6.12 12.85
CA GLY A 128 -9.42 4.94 13.44
C GLY A 128 -7.97 4.77 13.08
N SER A 130 -5.85 7.04 12.08
CA SER A 130 -5.08 8.13 12.69
C SER A 130 -4.83 7.89 14.17
N LYS A 131 -5.87 7.44 14.88
CA LYS A 131 -5.72 7.18 16.31
C LYS A 131 -4.75 6.03 16.54
N ALA A 132 -4.86 4.99 15.72
CA ALA A 132 -3.97 3.83 15.83
C ALA A 132 -2.52 4.27 15.64
N CYS A 133 -2.29 5.10 14.63
CA CYS A 133 -0.95 5.65 14.39
C CYS A 133 -0.45 6.42 15.58
N ALA A 134 -1.29 7.34 16.08
CA ALA A 134 -0.88 8.24 17.16
C ALA A 134 -0.52 7.50 18.44
N GLU A 135 -1.21 6.39 18.72
CA GLU A 135 -0.92 5.56 19.90
C GLU A 135 0.53 5.07 19.94
N CYS A 136 1.10 4.71 18.80
N CYS A 136 1.06 4.78 18.76
CA CYS A 136 2.52 4.30 18.78
CA CYS A 136 2.41 4.26 18.57
C CYS A 136 3.55 5.28 18.20
C CYS A 136 3.49 5.24 18.10
N GLY A 137 3.15 6.51 17.95
CA GLY A 137 4.12 7.52 17.52
C GLY A 137 4.42 7.44 16.03
N VAL A 138 3.51 6.85 15.28
CA VAL A 138 3.65 6.71 13.82
C VAL A 138 2.94 7.84 13.08
N SER A 139 3.61 8.39 12.06
CA SER A 139 3.01 9.45 11.27
C SER A 139 2.29 8.87 10.05
N LEU A 140 1.07 9.32 9.81
CA LEU A 140 0.36 8.87 8.62
C LEU A 140 0.68 9.87 7.53
N VAL A 141 1.53 9.45 6.60
CA VAL A 141 2.15 10.35 5.63
C VAL A 141 1.48 10.38 4.25
N GLY A 142 0.44 9.58 4.06
CA GLY A 142 -0.25 9.63 2.79
C GLY A 142 -1.21 8.48 2.60
N GLY A 143 -2.05 8.58 1.57
CA GLY A 143 -2.98 7.52 1.32
C GLY A 143 -3.62 7.73 -0.03
N GLU A 144 -4.52 6.82 -0.38
CA GLU A 144 -5.18 6.88 -1.65
C GLU A 144 -6.53 6.17 -1.52
N THR A 145 -7.49 6.56 -2.35
CA THR A 145 -8.75 5.83 -2.40
C THR A 145 -9.07 5.44 -3.84
N ALA A 146 -9.94 4.45 -3.98
CA ALA A 146 -10.41 4.05 -5.32
C ALA A 146 -11.89 3.75 -5.23
N GLU A 147 -12.62 4.08 -6.29
CA GLU A 147 -14.04 3.76 -6.33
C GLU A 147 -14.25 2.98 -7.61
N PRO A 149 -16.96 0.24 -8.79
CA PRO A 149 -18.12 -0.64 -8.60
C PRO A 149 -18.04 -1.90 -9.47
N GLY A 150 -17.31 -1.83 -10.59
CA GLY A 150 -17.23 -2.97 -11.50
C GLY A 150 -16.28 -4.05 -10.99
N VAL A 151 -15.36 -3.64 -10.11
CA VAL A 151 -14.43 -4.56 -9.46
C VAL A 151 -14.97 -5.26 -8.21
N TYR A 152 -15.66 -4.49 -7.37
CA TYR A 152 -16.13 -4.96 -6.06
C TYR A 152 -17.59 -5.37 -6.09
N GLN A 153 -17.93 -6.39 -5.32
CA GLN A 153 -19.33 -6.69 -5.08
C GLN A 153 -19.97 -5.53 -4.35
N ALA A 154 -21.29 -5.43 -4.43
CA ALA A 154 -22.01 -4.29 -3.86
C ALA A 154 -21.63 -4.05 -2.40
N GLY A 155 -21.30 -2.80 -2.10
CA GLY A 155 -21.01 -2.39 -0.74
C GLY A 155 -19.68 -2.83 -0.15
N GLU A 156 -18.93 -3.65 -0.87
CA GLU A 156 -17.67 -4.17 -0.35
C GLU A 156 -16.53 -3.16 -0.43
N ILE A 157 -15.52 -3.36 0.42
CA ILE A 157 -14.32 -2.54 0.41
C ILE A 157 -13.06 -3.38 0.57
N ASP A 158 -11.91 -2.78 0.29
CA ASP A 158 -10.63 -3.44 0.55
C ASP A 158 -9.70 -2.40 1.15
N VAL A 160 -5.83 -1.58 2.55
CA VAL A 160 -4.44 -2.03 2.46
C VAL A 160 -3.61 -1.00 3.17
N GLY A 161 -2.56 -1.43 3.85
CA GLY A 161 -1.72 -0.46 4.52
C GLY A 161 -0.27 -0.89 4.50
N VAL A 162 0.61 0.10 4.63
N VAL A 162 0.61 0.10 4.61
CA VAL A 162 2.03 -0.13 4.54
CA VAL A 162 2.03 -0.16 4.57
C VAL A 162 2.71 0.56 5.72
C VAL A 162 2.71 0.54 5.72
N ILE A 163 3.45 -0.22 6.49
CA ILE A 163 4.18 0.33 7.61
C ILE A 163 5.65 0.36 7.25
N THR A 164 6.33 1.42 7.70
CA THR A 164 7.77 1.56 7.51
C THR A 164 8.37 1.82 8.88
N GLY A 165 9.48 1.18 9.18
CA GLY A 165 10.05 1.26 10.51
C GLY A 165 11.56 1.26 10.39
N ILE A 166 12.23 1.49 11.51
CA ILE A 166 13.68 1.52 11.56
C ILE A 166 14.19 0.60 12.65
N VAL A 167 15.28 -0.11 12.36
CA VAL A 167 15.95 -0.91 13.37
C VAL A 167 17.44 -0.78 13.12
N ASP A 168 18.23 -0.75 14.19
CA ASP A 168 19.69 -0.75 14.04
C ASP A 168 20.12 -2.13 13.58
N ARG A 169 21.07 -2.20 12.65
N ARG A 169 21.07 -2.20 12.65
CA ARG A 169 21.42 -3.47 12.03
CA ARG A 169 21.40 -3.48 12.03
C ARG A 169 21.74 -4.55 13.06
C ARG A 169 21.75 -4.56 13.06
N LYS A 170 22.57 -4.19 14.05
CA LYS A 170 23.01 -5.15 15.07
C LYS A 170 21.88 -5.59 15.99
N ARG A 171 20.79 -4.83 16.00
CA ARG A 171 19.65 -5.11 16.87
C ARG A 171 18.53 -5.89 16.16
N ILE A 172 18.74 -6.26 14.90
CA ILE A 172 17.69 -7.00 14.21
C ILE A 172 17.47 -8.30 14.97
N ILE A 173 16.22 -8.58 15.35
N ILE A 173 16.22 -8.59 15.35
CA ILE A 173 15.93 -9.81 16.06
CA ILE A 173 15.93 -9.82 16.07
C ILE A 173 15.53 -10.86 15.02
C ILE A 173 15.52 -10.89 15.07
N ASN A 174 16.44 -11.81 14.80
CA ASN A 174 16.24 -12.87 13.81
C ASN A 174 16.07 -14.33 14.23
N GLY A 175 16.16 -14.62 15.52
CA GLY A 175 16.09 -15.98 16.02
C GLY A 175 17.41 -16.75 16.02
N GLU A 176 18.47 -16.15 15.51
N GLU A 176 18.47 -16.14 15.51
CA GLU A 176 19.74 -16.88 15.36
CA GLU A 176 19.75 -16.84 15.37
C GLU A 176 20.32 -17.37 16.68
C GLU A 176 20.29 -17.39 16.68
N ASN A 177 20.00 -16.70 17.79
CA ASN A 177 20.51 -17.10 19.10
C ASN A 177 19.58 -17.99 19.92
N ILE A 178 18.42 -18.32 19.36
CA ILE A 178 17.50 -19.23 20.00
C ILE A 178 18.21 -20.58 20.20
N LYS A 179 17.98 -21.20 21.35
N LYS A 179 17.98 -21.20 21.35
CA LYS A 179 18.60 -22.50 21.64
CA LYS A 179 18.62 -22.48 21.68
C LYS A 179 17.60 -23.41 22.32
C LYS A 179 17.61 -23.41 22.34
N GLU A 180 17.89 -24.71 22.28
CA GLU A 180 17.04 -25.68 22.96
C GLU A 180 16.94 -25.27 24.43
N GLY A 181 15.74 -25.33 25.00
CA GLY A 181 15.57 -24.95 26.39
C GLY A 181 15.07 -23.54 26.58
N ASP A 182 15.17 -22.72 25.54
CA ASP A 182 14.53 -21.39 25.57
C ASP A 182 13.02 -21.56 25.67
N ILE A 183 12.36 -20.53 26.14
CA ILE A 183 10.94 -20.59 26.44
C ILE A 183 10.12 -19.85 25.39
N VAL A 184 8.93 -20.36 25.11
CA VAL A 184 8.00 -19.65 24.25
C VAL A 184 6.97 -18.96 25.13
N PHE A 185 6.89 -17.64 24.99
CA PHE A 185 5.92 -16.82 25.68
C PHE A 185 4.88 -16.35 24.68
N GLY A 186 3.69 -16.03 25.15
CA GLY A 186 2.73 -15.49 24.21
C GLY A 186 1.86 -14.43 24.80
N LEU A 187 1.35 -13.59 23.92
CA LEU A 187 0.52 -12.46 24.30
C LEU A 187 -0.84 -12.72 23.72
N SER A 188 -1.89 -12.58 24.54
CA SER A 188 -3.23 -12.92 24.08
C SER A 188 -3.68 -12.11 22.86
N SER A 189 -4.51 -12.74 22.04
CA SER A 189 -5.25 -12.02 20.99
C SER A 189 -6.61 -11.61 21.52
N SER A 190 -7.34 -10.83 20.73
CA SER A 190 -8.68 -10.39 21.11
C SER A 190 -9.75 -11.26 20.47
N GLY A 191 -9.31 -12.23 19.68
CA GLY A 191 -10.24 -12.88 18.79
C GLY A 191 -9.54 -13.33 17.53
N LEU A 192 -10.30 -13.42 16.45
CA LEU A 192 -9.77 -13.83 15.16
C LEU A 192 -8.71 -12.88 14.64
N HIS A 193 -8.69 -11.65 15.16
CA HIS A 193 -7.81 -10.62 14.61
C HIS A 193 -8.16 -10.27 13.15
N THR A 194 -7.20 -10.39 12.24
CA THR A 194 -7.38 -10.25 10.78
C THR A 194 -7.42 -11.48 9.84
N ASN A 195 -7.55 -12.67 10.40
N ASN A 195 -7.55 -12.68 10.35
CA ASN A 195 -7.57 -13.90 9.59
CA ASN A 195 -7.72 -13.80 9.43
C ASN A 195 -8.77 -14.82 9.89
C ASN A 195 -8.81 -14.76 9.85
N GLY A 196 -9.26 -15.53 8.87
CA GLY A 196 -10.29 -16.54 9.09
C GLY A 196 -11.73 -16.05 9.04
N TYR A 197 -11.93 -14.83 8.58
CA TYR A 197 -13.27 -14.24 8.57
C TYR A 197 -14.18 -14.76 7.46
N SER A 198 -13.60 -15.15 6.33
N SER A 198 -13.60 -15.15 6.33
CA SER A 198 -14.41 -15.73 5.28
CA SER A 198 -14.43 -15.72 5.27
C SER A 198 -15.06 -16.98 5.87
C SER A 198 -15.05 -17.02 5.81
N PHE A 199 -14.24 -17.77 6.54
CA PHE A 199 -14.71 -18.99 7.19
C PHE A 199 -15.77 -18.72 8.28
N ALA A 200 -15.45 -17.81 9.20
CA ALA A 200 -16.40 -17.44 10.26
C ALA A 200 -17.72 -16.93 9.69
N ARG A 201 -17.64 -16.08 8.67
N ARG A 201 -17.63 -16.08 8.67
CA ARG A 201 -18.85 -15.50 8.09
CA ARG A 201 -18.83 -15.48 8.08
C ARG A 201 -19.74 -16.58 7.53
C ARG A 201 -19.74 -16.57 7.52
N LYS A 202 -19.15 -17.53 6.82
CA LYS A 202 -19.93 -18.61 6.23
C LYS A 202 -20.50 -19.49 7.33
N LEU A 203 -19.68 -19.80 8.33
CA LEU A 203 -20.11 -20.60 9.45
C LEU A 203 -21.34 -20.00 10.14
N PHE A 204 -21.25 -18.73 10.52
CA PHE A 204 -22.35 -18.12 11.27
C PHE A 204 -23.53 -17.72 10.38
N PHE A 205 -23.24 -17.02 9.30
CA PHE A 205 -24.31 -16.38 8.55
C PHE A 205 -24.89 -17.16 7.36
N ASP A 206 -24.23 -18.25 6.99
CA ASP A 206 -24.71 -19.09 5.90
C ASP A 206 -25.25 -20.38 6.46
N VAL A 207 -24.38 -21.16 7.08
CA VAL A 207 -24.75 -22.46 7.63
C VAL A 207 -25.66 -22.34 8.86
N ALA A 208 -25.25 -21.53 9.84
CA ALA A 208 -25.98 -21.45 11.09
C ALA A 208 -27.28 -20.65 10.95
N GLY A 209 -27.27 -19.69 10.04
CA GLY A 209 -28.45 -18.88 9.78
C GLY A 209 -28.61 -17.73 10.76
N ASN A 210 -27.51 -17.37 11.43
CA ASN A 210 -27.53 -16.25 12.36
C ASN A 210 -27.65 -14.90 11.68
N LYS A 211 -28.07 -13.91 12.45
CA LYS A 211 -27.86 -12.52 12.11
C LYS A 211 -26.86 -11.98 13.14
N HIS A 212 -26.15 -10.91 12.80
CA HIS A 212 -25.01 -10.48 13.60
C HIS A 212 -25.38 -10.03 15.00
N THR A 213 -26.66 -9.75 15.22
CA THR A 213 -27.12 -9.34 16.53
C THR A 213 -27.47 -10.53 17.41
N ASP A 214 -27.43 -11.75 16.87
CA ASP A 214 -27.64 -12.95 17.70
C ASP A 214 -26.52 -13.13 18.72
N THR A 215 -26.82 -13.86 19.78
CA THR A 215 -25.79 -14.22 20.73
C THR A 215 -25.82 -15.73 20.95
N TYR A 216 -24.90 -16.22 21.76
CA TYR A 216 -24.75 -17.63 22.07
C TYR A 216 -24.30 -17.71 23.54
N PRO A 217 -24.51 -18.85 24.21
CA PRO A 217 -24.13 -18.92 25.62
C PRO A 217 -22.66 -18.53 25.87
N GLU A 218 -21.76 -18.97 25.00
CA GLU A 218 -20.33 -18.66 25.13
C GLU A 218 -20.09 -17.16 25.22
N LEU A 219 -20.96 -16.36 24.61
CA LEU A 219 -20.73 -14.93 24.48
C LEU A 219 -21.34 -14.07 25.59
N GLU A 220 -22.08 -14.70 26.50
CA GLU A 220 -22.71 -13.96 27.61
C GLU A 220 -23.45 -12.71 27.17
N GLY A 221 -24.30 -12.84 26.17
CA GLY A 221 -25.09 -11.72 25.71
C GLY A 221 -24.44 -10.84 24.65
N LYS A 222 -23.12 -10.90 24.50
CA LYS A 222 -22.47 -10.11 23.46
C LYS A 222 -22.91 -10.62 22.09
N THR A 223 -23.06 -9.72 21.12
CA THR A 223 -23.49 -10.15 19.80
C THR A 223 -22.36 -10.76 18.99
N ILE A 224 -22.70 -11.69 18.10
CA ILE A 224 -21.70 -12.28 17.24
C ILE A 224 -20.92 -11.19 16.50
N GLY A 225 -21.63 -10.21 15.95
CA GLY A 225 -21.01 -9.12 15.22
C GLY A 225 -19.96 -8.38 16.04
N ASP A 226 -20.33 -7.97 17.25
CA ASP A 226 -19.41 -7.28 18.14
C ASP A 226 -18.18 -8.14 18.48
N VAL A 227 -18.41 -9.41 18.77
CA VAL A 227 -17.29 -10.29 19.10
C VAL A 227 -16.33 -10.50 17.92
N LEU A 228 -16.88 -10.64 16.72
CA LEU A 228 -16.05 -10.81 15.53
C LEU A 228 -15.29 -9.53 15.22
N LEU A 229 -15.88 -8.38 15.51
CA LEU A 229 -15.28 -7.11 15.08
C LEU A 229 -14.31 -6.49 16.10
N GLU A 230 -14.06 -7.16 17.22
CA GLU A 230 -13.02 -6.68 18.13
C GLU A 230 -11.71 -6.50 17.36
N PRO A 231 -10.98 -5.41 17.61
CA PRO A 231 -9.80 -5.11 16.77
C PRO A 231 -8.59 -5.99 17.02
N HIS A 232 -7.84 -6.21 15.93
CA HIS A 232 -6.53 -6.85 15.97
C HIS A 232 -5.65 -6.04 16.94
N ILE A 233 -5.10 -6.71 17.95
CA ILE A 233 -4.30 -6.01 18.95
C ILE A 233 -2.97 -5.56 18.35
N ASN A 234 -2.56 -4.34 18.69
CA ASN A 234 -1.26 -3.83 18.28
C ASN A 234 -0.24 -4.13 19.36
N TYR A 235 0.75 -4.95 19.03
CA TYR A 235 1.73 -5.35 20.03
C TYR A 235 2.95 -4.42 20.09
N THR A 236 2.94 -3.37 19.28
CA THR A 236 4.10 -2.48 19.16
C THR A 236 4.55 -1.95 20.52
N ASN A 237 3.63 -1.37 21.28
CA ASN A 237 4.03 -0.73 22.52
C ASN A 237 4.55 -1.71 23.58
N ILE A 238 3.89 -2.85 23.76
CA ILE A 238 4.36 -3.77 24.78
C ILE A 238 5.71 -4.35 24.40
N ILE A 239 5.91 -4.65 23.12
N ILE A 239 5.90 -4.65 23.11
CA ILE A 239 7.20 -5.18 22.69
CA ILE A 239 7.18 -5.17 22.65
C ILE A 239 8.29 -4.15 22.93
C ILE A 239 8.28 -4.16 22.91
N HIS A 240 8.01 -2.89 22.64
CA HIS A 240 9.03 -1.87 22.87
C HIS A 240 9.26 -1.53 24.33
N ASP A 241 8.24 -1.73 25.16
CA ASP A 241 8.41 -1.62 26.61
C ASP A 241 9.41 -2.70 27.04
N PHE A 242 9.22 -3.93 26.55
CA PHE A 242 10.15 -5.02 26.89
C PHE A 242 11.56 -4.65 26.46
N LEU A 243 11.71 -4.26 25.19
CA LEU A 243 13.03 -4.01 24.63
C LEU A 243 13.71 -2.83 25.32
N ASP A 244 12.95 -1.78 25.63
CA ASP A 244 13.51 -0.59 26.31
C ASP A 244 13.94 -0.86 27.73
N ASN A 245 13.36 -1.88 28.32
CA ASN A 245 13.69 -2.31 29.67
C ASN A 245 14.71 -3.43 29.74
N GLY A 246 15.28 -3.77 28.59
CA GLY A 246 16.39 -4.70 28.55
C GLY A 246 16.02 -6.17 28.51
N VAL A 247 14.76 -6.46 28.21
CA VAL A 247 14.38 -7.85 28.03
C VAL A 247 15.13 -8.40 26.83
N ASP A 248 15.70 -9.60 26.95
CA ASP A 248 16.54 -10.05 25.86
C ASP A 248 15.65 -10.99 25.08
N ILE A 249 15.13 -10.47 23.99
CA ILE A 249 14.21 -11.22 23.15
C ILE A 249 15.04 -11.83 22.02
N LYS A 250 14.99 -13.16 21.91
N LYS A 250 14.95 -13.16 21.90
CA LYS A 250 15.71 -13.87 20.87
CA LYS A 250 15.71 -13.90 20.90
C LYS A 250 14.96 -13.97 19.54
C LYS A 250 14.94 -14.21 19.60
N GLY A 251 13.63 -13.98 19.62
CA GLY A 251 12.83 -14.10 18.41
C GLY A 251 11.37 -13.88 18.71
N ALA A 253 7.22 -14.28 16.69
CA ALA A 253 6.39 -14.66 15.55
C ALA A 253 4.97 -14.17 15.76
N HIS A 254 4.50 -13.39 14.80
CA HIS A 254 3.15 -12.85 14.80
C HIS A 254 2.23 -13.99 14.33
N ILE A 255 1.23 -14.31 15.14
CA ILE A 255 0.39 -15.48 14.85
C ILE A 255 -0.85 -15.07 14.05
N THR A 256 -0.85 -15.49 12.80
CA THR A 256 -1.82 -15.10 11.76
C THR A 256 -2.31 -16.43 11.20
N GLY A 257 -2.93 -16.44 10.03
CA GLY A 257 -3.42 -17.70 9.51
C GLY A 257 -2.41 -18.84 9.59
N GLY A 258 -2.93 -20.01 9.92
CA GLY A 258 -2.11 -21.20 10.07
C GLY A 258 -1.58 -21.39 11.49
N GLY A 259 -1.88 -20.44 12.36
CA GLY A 259 -1.57 -20.57 13.78
C GLY A 259 -0.11 -20.79 14.14
N PHE A 260 0.14 -21.46 15.25
CA PHE A 260 1.51 -21.65 15.73
C PHE A 260 2.34 -22.40 14.70
N ILE A 261 1.79 -23.47 14.16
CA ILE A 261 2.54 -24.36 13.28
C ILE A 261 3.04 -23.65 12.02
N GLU A 262 2.24 -22.76 11.46
N GLU A 262 2.24 -22.76 11.46
CA GLU A 262 2.66 -22.05 10.24
CA GLU A 262 2.64 -22.05 10.25
C GLU A 262 3.65 -20.92 10.54
C GLU A 262 3.64 -20.93 10.54
N ASN A 263 3.39 -20.19 11.61
CA ASN A 263 4.17 -19.00 11.94
C ASN A 263 5.49 -19.08 12.72
N ILE A 264 5.57 -20.00 13.68
CA ILE A 264 6.77 -20.13 14.50
C ILE A 264 8.04 -20.60 13.77
N PRO A 265 7.94 -21.64 12.91
CA PRO A 265 9.14 -22.23 12.30
C PRO A 265 10.02 -21.16 11.67
N ARG A 266 9.41 -20.10 11.16
N ARG A 266 9.36 -20.08 11.24
CA ARG A 266 10.12 -19.02 10.49
CA ARG A 266 9.94 -18.91 10.59
C ARG A 266 11.33 -18.52 11.29
C ARG A 266 11.21 -18.43 11.28
N VAL A 267 11.16 -18.40 12.60
CA VAL A 267 12.23 -17.83 13.42
C VAL A 267 13.20 -18.83 14.07
N LEU A 268 13.00 -20.12 13.82
CA LEU A 268 13.80 -21.16 14.50
C LEU A 268 15.04 -21.54 13.71
N PRO A 269 16.18 -21.58 14.41
CA PRO A 269 17.42 -22.11 13.83
C PRO A 269 17.21 -23.55 13.34
N GLN A 270 18.03 -23.95 12.38
CA GLN A 270 17.86 -25.26 11.74
C GLN A 270 17.81 -26.39 12.75
N GLY A 271 16.80 -27.24 12.63
CA GLY A 271 16.71 -28.44 13.45
C GLY A 271 15.93 -28.25 14.74
N LEU A 272 15.82 -27.01 15.20
CA LEU A 272 15.14 -26.77 16.47
C LEU A 272 13.63 -26.80 16.28
N GLY A 273 12.93 -27.28 17.29
CA GLY A 273 11.48 -27.25 17.31
C GLY A 273 10.89 -26.34 18.35
N ALA A 274 9.58 -26.43 18.50
CA ALA A 274 8.91 -25.76 19.60
C ALA A 274 7.73 -26.62 19.97
N GLN A 275 7.40 -26.61 21.26
CA GLN A 275 6.25 -27.33 21.74
C GLN A 275 5.38 -26.32 22.46
N ILE A 276 4.11 -26.24 22.06
CA ILE A 276 3.17 -25.27 22.62
C ILE A 276 2.12 -26.02 23.42
N ASP A 277 1.96 -25.66 24.69
CA ASP A 277 1.00 -26.33 25.56
C ASP A 277 -0.30 -25.54 25.48
N LYS A 278 -1.31 -26.12 24.82
CA LYS A 278 -2.52 -25.35 24.50
C LYS A 278 -3.34 -25.02 25.75
N ASP A 279 -3.02 -25.67 26.87
CA ASP A 279 -3.76 -25.43 28.11
C ASP A 279 -3.11 -24.36 28.98
N SER A 280 -2.07 -23.73 28.46
CA SER A 280 -1.35 -22.73 29.25
C SER A 280 -1.89 -21.32 29.04
N PHE A 281 -2.87 -21.17 28.14
CA PHE A 281 -3.47 -19.87 27.87
C PHE A 281 -4.96 -20.00 27.62
N ALA A 282 -5.71 -18.93 27.84
CA ALA A 282 -7.14 -18.94 27.61
C ALA A 282 -7.45 -18.83 26.12
N THR A 283 -8.48 -19.52 25.66
CA THR A 283 -8.96 -19.38 24.29
C THR A 283 -10.24 -18.57 24.25
N PRO A 284 -10.23 -17.45 23.50
CA PRO A 284 -11.39 -16.55 23.43
C PRO A 284 -12.66 -17.31 23.09
N ALA A 285 -13.77 -16.89 23.69
CA ALA A 285 -15.08 -17.51 23.47
C ALA A 285 -15.42 -17.71 21.99
N ILE A 286 -15.07 -16.75 21.16
CA ILE A 286 -15.44 -16.84 19.75
C ILE A 286 -14.90 -18.13 19.12
N PHE A 287 -13.68 -18.52 19.48
CA PHE A 287 -13.11 -19.77 18.96
C PHE A 287 -13.84 -21.00 19.45
N LYS A 288 -14.10 -21.06 20.74
CA LYS A 288 -14.82 -22.20 21.32
C LYS A 288 -16.20 -22.31 20.68
N LEU A 289 -16.81 -21.16 20.43
CA LEU A 289 -18.14 -21.13 19.82
C LEU A 289 -18.12 -21.71 18.41
N GLN A 291 -15.97 -23.72 17.16
CA GLN A 291 -15.61 -25.13 17.22
C GLN A 291 -16.87 -25.96 17.45
N ARG A 292 -17.73 -25.48 18.34
CA ARG A 292 -18.98 -26.18 18.67
C ARG A 292 -20.02 -26.12 17.55
N ILE A 293 -20.32 -24.90 17.09
CA ILE A 293 -21.35 -24.68 16.07
C ILE A 293 -21.01 -25.30 14.72
N GLY A 294 -19.73 -25.23 14.34
CA GLY A 294 -19.30 -25.73 13.05
C GLY A 294 -18.89 -27.18 13.07
N ASP A 295 -18.99 -27.81 14.24
CA ASP A 295 -18.50 -29.18 14.43
C ASP A 295 -17.08 -29.35 13.91
N ILE A 296 -16.20 -28.41 14.27
CA ILE A 296 -14.82 -28.46 13.81
C ILE A 296 -13.98 -29.22 14.82
N SER A 297 -13.09 -30.08 14.33
CA SER A 297 -12.25 -30.85 15.23
C SER A 297 -11.22 -29.96 15.90
N GLU A 298 -10.86 -30.32 17.13
CA GLU A 298 -9.90 -29.54 17.87
C GLU A 298 -8.61 -29.36 17.07
N PHE A 299 -8.21 -30.40 16.35
CA PHE A 299 -6.96 -30.31 15.61
C PHE A 299 -7.02 -29.32 14.46
N GLU A 300 -8.15 -29.27 13.75
N GLU A 300 -8.14 -29.26 13.74
CA GLU A 300 -8.31 -28.30 12.67
CA GLU A 300 -8.25 -28.28 12.65
C GLU A 300 -8.28 -26.88 13.23
C GLU A 300 -8.33 -26.86 13.20
N TYR A 302 -6.76 -25.72 15.88
CA TYR A 302 -5.40 -25.31 16.25
C TYR A 302 -4.47 -25.20 15.07
N ARG A 303 -4.80 -25.92 13.99
CA ARG A 303 -4.03 -25.84 12.78
C ARG A 303 -4.32 -24.51 12.09
N SER A 304 -5.58 -24.09 12.16
CA SER A 304 -6.10 -22.88 11.50
C SER A 304 -5.98 -21.49 12.15
N PHE A 305 -6.22 -21.41 13.45
CA PHE A 305 -6.52 -20.13 14.12
C PHE A 305 -5.53 -19.78 15.21
N ASN A 306 -5.47 -18.51 15.63
CA ASN A 306 -4.51 -18.17 16.67
C ASN A 306 -4.88 -18.76 18.03
N GLY A 308 -6.22 -17.71 20.62
CA GLY A 308 -5.99 -16.90 21.80
C GLY A 308 -4.59 -16.31 21.97
N ILE A 309 -3.64 -16.66 21.11
CA ILE A 309 -2.32 -16.03 21.18
C ILE A 309 -2.02 -15.31 19.88
N GLY A 310 -1.83 -13.99 19.95
CA GLY A 310 -1.60 -13.21 18.72
C GLY A 310 -0.14 -12.95 18.45
N THR A 312 3.94 -14.40 19.64
CA THR A 312 4.84 -15.21 20.45
C THR A 312 6.21 -14.54 20.58
N ILE A 313 6.85 -14.75 21.74
CA ILE A 313 8.15 -14.19 22.04
C ILE A 313 9.02 -15.31 22.60
N ILE A 314 10.20 -15.49 22.04
CA ILE A 314 11.11 -16.54 22.47
C ILE A 314 12.27 -15.90 23.22
N ALA A 315 12.47 -16.36 24.44
CA ALA A 315 13.52 -15.83 25.31
C ALA A 315 13.82 -16.87 26.38
N SER A 316 14.96 -16.72 27.05
N SER A 316 14.95 -16.72 27.06
CA SER A 316 15.31 -17.62 28.15
CA SER A 316 15.29 -17.64 28.14
C SER A 316 14.34 -17.45 29.32
C SER A 316 14.33 -17.46 29.31
N GLN A 317 14.19 -18.51 30.11
CA GLN A 317 13.27 -18.51 31.24
C GLN A 317 13.50 -17.32 32.17
N ASP A 318 14.76 -16.93 32.33
CA ASP A 318 15.10 -15.90 33.30
C ASP A 318 14.62 -14.50 32.88
N GLN A 319 14.08 -14.39 31.67
CA GLN A 319 13.49 -13.14 31.23
C GLN A 319 12.03 -12.97 31.69
N PHE A 320 11.41 -14.03 32.17
CA PHE A 320 9.97 -14.01 32.47
C PHE A 320 9.60 -12.99 33.55
N ASP A 321 10.38 -12.91 34.62
N ASP A 321 10.41 -12.93 34.61
CA ASP A 321 9.98 -12.00 35.71
CA ASP A 321 10.14 -12.05 35.75
C ASP A 321 9.90 -10.58 35.24
C ASP A 321 9.96 -10.61 35.30
N LYS A 322 10.93 -10.11 34.54
CA LYS A 322 10.88 -8.75 34.03
C LYS A 322 9.72 -8.57 33.05
N GLN A 324 6.78 -10.15 32.85
CA GLN A 324 5.46 -10.15 33.46
C GLN A 324 5.25 -8.86 34.27
N GLU A 325 6.31 -8.37 34.88
CA GLU A 325 6.23 -7.12 35.62
C GLU A 325 5.84 -5.98 34.68
N LEU A 326 6.52 -5.92 33.53
CA LEU A 326 6.26 -4.87 32.55
C LEU A 326 4.90 -5.08 31.91
N ALA A 327 4.52 -6.33 31.68
CA ALA A 327 3.26 -6.62 30.97
C ALA A 327 2.02 -6.13 31.72
N LYS A 328 2.10 -6.09 33.05
CA LYS A 328 0.94 -5.75 33.88
C LYS A 328 0.26 -4.46 33.48
N LYS A 329 1.07 -3.46 33.10
CA LYS A 329 0.55 -2.15 32.76
C LYS A 329 -0.18 -2.12 31.42
N HIS A 330 0.04 -3.12 30.57
CA HIS A 330 -0.60 -3.10 29.26
C HIS A 330 -1.88 -3.91 29.32
N THR A 331 -3.00 -3.20 29.28
CA THR A 331 -4.26 -3.82 29.65
C THR A 331 -5.00 -4.40 28.46
N ASN A 332 -4.42 -4.25 27.27
CA ASN A 332 -5.07 -4.75 26.06
C ASN A 332 -4.63 -6.15 25.70
N THR A 333 -3.67 -6.69 26.46
CA THR A 333 -3.18 -8.03 26.20
C THR A 333 -2.62 -8.63 27.50
N LYS A 334 -2.46 -9.95 27.50
CA LYS A 334 -2.05 -10.72 28.66
C LYS A 334 -0.88 -11.64 28.30
N LEU A 335 0.10 -11.71 29.19
CA LEU A 335 1.31 -12.52 28.94
C LEU A 335 1.24 -13.90 29.62
N TYR A 336 1.52 -14.94 28.84
CA TYR A 336 1.57 -16.31 29.33
C TYR A 336 2.89 -16.97 28.97
N GLN A 337 3.31 -17.94 29.77
CA GLN A 337 4.40 -18.83 29.35
C GLN A 337 3.75 -20.05 28.71
N ILE A 338 3.87 -20.17 27.39
CA ILE A 338 3.14 -21.21 26.65
C ILE A 338 3.85 -22.44 26.10
N GLY A 339 5.17 -22.48 26.19
CA GLY A 339 5.89 -23.58 25.57
C GLY A 339 7.39 -23.47 25.68
N LYS A 340 8.09 -24.25 24.87
CA LYS A 340 9.54 -24.28 24.97
C LYS A 340 10.17 -24.72 23.66
N ILE A 341 11.43 -24.34 23.50
CA ILE A 341 12.19 -24.69 22.30
C ILE A 341 12.85 -26.05 22.53
N THR A 342 12.72 -26.93 21.54
CA THR A 342 13.21 -28.29 21.63
C THR A 342 14.13 -28.57 20.46
N ASN A 343 14.61 -29.81 20.38
CA ASN A 343 15.40 -30.32 19.26
C ASN A 343 14.58 -31.07 18.22
N SER A 344 13.26 -30.98 18.36
CA SER A 344 12.33 -31.84 17.65
C SER A 344 12.19 -31.64 16.14
N GLY A 345 12.75 -30.56 15.62
CA GLY A 345 12.63 -30.22 14.20
C GLY A 345 11.21 -29.95 13.71
N LYS A 346 10.30 -29.65 14.63
CA LYS A 346 8.92 -29.39 14.27
C LYS A 346 8.28 -28.44 15.29
N VAL A 347 7.28 -27.69 14.86
CA VAL A 347 6.40 -27.00 15.81
C VAL A 347 5.20 -27.91 16.08
N GLU A 348 4.99 -28.24 17.35
CA GLU A 348 3.86 -29.08 17.69
C GLU A 348 3.03 -28.44 18.80
N ILE A 349 1.74 -28.72 18.75
CA ILE A 349 0.82 -28.28 19.80
C ILE A 349 0.43 -29.51 20.60
N ILE A 350 0.59 -29.42 21.92
CA ILE A 350 0.26 -30.53 22.83
C ILE A 350 -0.74 -30.11 23.89
N GLN B 21 7.24 -24.53 -7.88
CA GLN B 21 8.00 -24.14 -9.08
C GLN B 21 7.70 -22.71 -9.50
N ALA B 22 6.42 -22.35 -9.49
CA ALA B 22 5.99 -21.01 -9.83
C ALA B 22 6.57 -20.01 -8.84
N VAL B 23 6.65 -20.42 -7.58
CA VAL B 23 7.22 -19.58 -6.53
C VAL B 23 8.71 -19.33 -6.75
N GLU B 24 9.42 -20.34 -7.26
CA GLU B 24 10.84 -20.21 -7.48
C GLU B 24 11.12 -19.21 -8.60
N ARG B 25 10.29 -19.27 -9.63
CA ARG B 25 10.42 -18.33 -10.73
C ARG B 25 10.14 -16.92 -10.23
N LYS B 27 10.52 -15.80 -7.09
CA LYS B 27 11.66 -15.41 -6.27
C LYS B 27 12.80 -14.93 -7.14
N GLN B 28 13.01 -15.61 -8.27
N GLN B 28 13.01 -15.59 -8.28
CA GLN B 28 14.06 -15.26 -9.21
CA GLN B 28 14.11 -15.20 -9.15
C GLN B 28 13.87 -13.86 -9.76
C GLN B 28 13.88 -13.83 -9.78
N HIS B 29 12.63 -13.53 -10.12
CA HIS B 29 12.30 -12.22 -10.66
C HIS B 29 12.54 -11.15 -9.61
N VAL B 30 12.14 -11.44 -8.38
CA VAL B 30 12.27 -10.48 -7.29
C VAL B 30 13.74 -10.22 -6.95
N LYS B 31 14.54 -11.28 -6.91
CA LYS B 31 15.97 -11.18 -6.61
C LYS B 31 16.71 -10.26 -7.59
N LYS B 32 16.24 -10.23 -8.84
CA LYS B 32 16.86 -9.41 -9.87
C LYS B 32 16.76 -7.92 -9.56
N THR B 33 15.85 -7.56 -8.67
CA THR B 33 15.67 -6.15 -8.32
C THR B 33 16.61 -5.68 -7.20
N PHE B 34 17.29 -6.62 -6.56
CA PHE B 34 18.07 -6.29 -5.36
C PHE B 34 19.33 -5.50 -5.67
N THR B 35 19.48 -4.34 -5.02
CA THR B 35 20.77 -3.65 -5.04
C THR B 35 21.62 -4.17 -3.88
N GLN B 36 22.85 -3.67 -3.76
N GLN B 36 22.85 -3.65 -3.77
CA GLN B 36 23.73 -4.14 -2.70
CA GLN B 36 23.77 -4.06 -2.72
C GLN B 36 23.29 -3.69 -1.30
C GLN B 36 23.27 -3.71 -1.32
N ASP B 37 22.28 -2.82 -1.24
CA ASP B 37 21.78 -2.35 0.05
C ASP B 37 20.73 -3.27 0.68
N VAL B 38 20.30 -4.28 -0.07
CA VAL B 38 19.25 -5.18 0.40
C VAL B 38 19.77 -6.22 1.39
N LEU B 39 19.00 -6.50 2.45
CA LEU B 39 19.31 -7.58 3.38
C LEU B 39 18.13 -8.54 3.43
N THR B 40 18.38 -9.77 3.85
CA THR B 40 17.29 -10.73 3.99
C THR B 40 16.24 -10.24 4.97
N GLY B 41 15.01 -10.54 4.64
CA GLY B 41 13.83 -10.18 5.40
C GLY B 41 13.07 -11.32 6.02
N LEU B 42 11.78 -11.07 6.22
CA LEU B 42 10.84 -12.02 6.79
C LEU B 42 10.02 -12.72 5.73
N GLY B 43 9.97 -14.04 5.78
CA GLY B 43 9.14 -14.80 4.86
C GLY B 43 9.82 -15.01 3.52
N SER B 44 9.14 -15.72 2.62
CA SER B 44 9.70 -16.05 1.31
C SER B 44 10.16 -14.82 0.53
N PHE B 45 9.29 -13.83 0.47
CA PHE B 45 9.53 -12.62 -0.32
C PHE B 45 9.99 -11.35 0.41
N GLY B 46 10.20 -11.43 1.72
CA GLY B 46 10.57 -10.23 2.45
C GLY B 46 12.07 -9.91 2.43
N SER B 47 12.39 -8.62 2.32
CA SER B 47 13.77 -8.16 2.40
C SER B 47 13.77 -6.86 3.20
N LEU B 48 14.96 -6.40 3.60
CA LEU B 48 15.13 -5.16 4.35
C LEU B 48 16.08 -4.29 3.54
N TYR B 49 16.15 -3.00 3.87
CA TYR B 49 16.97 -2.10 3.09
C TYR B 49 17.89 -1.26 3.99
N SER B 50 19.19 -1.50 3.89
CA SER B 50 20.17 -0.76 4.67
C SER B 50 20.25 0.70 4.21
N LEU B 51 20.26 1.63 5.15
CA LEU B 51 20.32 3.06 4.79
C LEU B 51 21.74 3.61 4.72
N LYS B 52 22.72 2.75 4.94
CA LYS B 52 24.11 3.20 5.05
C LYS B 52 24.52 4.10 3.86
N ASN B 53 24.30 3.61 2.64
CA ASN B 53 24.72 4.36 1.46
C ASN B 53 23.92 5.65 1.23
N ILE B 54 22.65 5.62 1.61
CA ILE B 54 21.82 6.84 1.61
C ILE B 54 22.42 7.88 2.55
N ILE B 55 22.71 7.47 3.78
CA ILE B 55 23.23 8.40 4.77
C ILE B 55 24.56 9.01 4.32
N ASN B 56 25.34 8.23 3.58
CA ASN B 56 26.63 8.69 3.08
C ASN B 56 26.51 9.60 1.85
N ASN B 57 25.50 9.37 1.01
CA ASN B 57 25.39 10.12 -0.24
C ASN B 57 24.46 11.33 -0.22
N TYR B 58 23.77 11.56 0.89
CA TYR B 58 22.87 12.72 1.00
C TYR B 58 23.24 13.59 2.19
N ASP B 59 23.15 14.91 2.04
CA ASP B 59 23.37 15.81 3.16
C ASP B 59 22.27 15.65 4.20
N ASP B 60 21.03 15.76 3.75
CA ASP B 60 19.87 15.84 4.63
C ASP B 60 18.72 15.05 4.01
N PRO B 61 18.83 13.70 4.00
CA PRO B 61 17.86 12.86 3.27
C PRO B 61 16.47 12.89 3.88
N VAL B 62 15.47 12.97 3.00
CA VAL B 62 14.06 12.98 3.36
C VAL B 62 13.40 11.77 2.72
N LEU B 63 12.57 11.07 3.49
CA LEU B 63 11.90 9.87 3.02
C LEU B 63 10.57 10.24 2.39
N VAL B 64 10.41 9.86 1.12
CA VAL B 64 9.25 10.24 0.32
C VAL B 64 8.50 8.99 -0.10
N GLN B 65 7.21 8.95 0.21
CA GLN B 65 6.45 7.74 -0.07
C GLN B 65 5.11 8.03 -0.74
N SER B 66 4.64 7.09 -1.54
CA SER B 66 3.32 7.21 -2.14
C SER B 66 2.72 5.83 -2.37
N ILE B 67 1.41 5.75 -2.21
CA ILE B 67 0.71 4.49 -2.42
C ILE B 67 -0.33 4.72 -3.53
N ASP B 68 -0.47 3.75 -4.42
N ASP B 68 -0.45 3.74 -4.41
CA ASP B 68 -1.46 3.90 -5.48
CA ASP B 68 -1.27 3.89 -5.61
C ASP B 68 -1.86 2.56 -6.05
C ASP B 68 -1.83 2.54 -6.09
N GLY B 69 -3.01 2.56 -6.69
CA GLY B 69 -3.50 1.38 -7.38
C GLY B 69 -3.42 1.53 -8.88
N VAL B 70 -3.58 0.43 -9.59
CA VAL B 70 -3.67 0.46 -11.04
C VAL B 70 -4.96 1.10 -11.49
N GLY B 71 -6.04 0.83 -10.77
CA GLY B 71 -7.33 1.32 -11.21
C GLY B 71 -8.06 0.31 -12.10
N THR B 72 -9.05 0.82 -12.81
N THR B 72 -9.10 0.76 -12.78
CA THR B 72 -9.99 0.00 -13.55
CA THR B 72 -9.97 -0.14 -13.52
C THR B 72 -9.41 -0.65 -14.82
C THR B 72 -9.36 -0.74 -14.79
N LYS B 73 -8.16 -0.30 -15.15
CA LYS B 73 -7.45 -0.97 -16.22
C LYS B 73 -7.39 -2.49 -15.95
N THR B 74 -7.39 -2.89 -14.68
CA THR B 74 -7.33 -4.32 -14.35
C THR B 74 -8.47 -5.09 -15.01
N LYS B 75 -9.64 -4.46 -15.09
CA LYS B 75 -10.84 -5.08 -15.63
C LYS B 75 -10.63 -5.38 -17.11
N VAL B 76 -9.95 -4.47 -17.80
CA VAL B 76 -9.62 -4.69 -19.21
C VAL B 76 -8.60 -5.81 -19.35
N ALA B 77 -7.61 -5.84 -18.46
CA ALA B 77 -6.60 -6.89 -18.47
C ALA B 77 -7.26 -8.26 -18.26
N VAL B 78 -8.17 -8.33 -17.30
CA VAL B 78 -8.88 -9.58 -17.02
C VAL B 78 -9.71 -10.00 -18.22
N CYS B 80 -9.24 -9.26 -21.30
CA CYS B 80 -8.35 -9.68 -22.40
C CYS B 80 -7.54 -10.92 -22.05
N GLY B 81 -7.47 -11.25 -20.77
CA GLY B 81 -6.57 -12.27 -20.31
C GLY B 81 -5.12 -11.95 -20.58
N LYS B 82 -4.78 -10.66 -20.58
N LYS B 82 -4.78 -10.66 -20.55
CA LYS B 82 -3.39 -10.26 -20.78
CA LYS B 82 -3.40 -10.23 -20.78
C LYS B 82 -2.86 -9.48 -19.58
C LYS B 82 -2.88 -9.47 -19.57
N PHE B 83 -2.00 -10.12 -18.82
CA PHE B 83 -1.40 -9.52 -17.64
C PHE B 83 0.04 -9.05 -17.80
N GLU B 84 0.59 -9.27 -18.99
N GLU B 84 0.59 -9.27 -18.99
CA GLU B 84 2.02 -9.04 -19.23
CA GLU B 84 2.00 -9.01 -19.25
C GLU B 84 2.49 -7.63 -18.81
C GLU B 84 2.46 -7.64 -18.77
N ASN B 85 1.67 -6.62 -19.09
CA ASN B 85 2.03 -5.23 -18.80
C ASN B 85 1.46 -4.63 -17.52
N LEU B 86 0.57 -5.36 -16.83
CA LEU B 86 -0.12 -4.82 -15.66
C LEU B 86 0.81 -4.56 -14.47
N GLY B 87 1.74 -5.48 -14.21
CA GLY B 87 2.69 -5.29 -13.14
C GLY B 87 3.55 -4.05 -13.38
N TYR B 88 3.92 -3.85 -14.63
CA TYR B 88 4.65 -2.66 -15.00
C TYR B 88 3.78 -1.40 -14.77
N ASP B 89 2.52 -1.46 -15.18
CA ASP B 89 1.56 -0.37 -14.91
C ASP B 89 1.58 0.02 -13.43
N LEU B 90 1.52 -0.98 -12.56
CA LEU B 90 1.42 -0.70 -11.12
C LEU B 90 2.64 0.07 -10.65
N PHE B 91 3.81 -0.40 -11.03
CA PHE B 91 5.03 0.28 -10.61
C PHE B 91 5.04 1.74 -11.05
N SER B 92 4.77 1.97 -12.34
CA SER B 92 4.76 3.33 -12.89
C SER B 92 3.71 4.22 -12.24
N ALA B 93 2.53 3.67 -12.01
CA ALA B 93 1.49 4.47 -11.37
C ALA B 93 1.96 5.01 -10.01
N ALA B 94 2.66 4.19 -9.24
CA ALA B 94 3.13 4.64 -7.93
C ALA B 94 4.35 5.55 -8.06
N THR B 95 5.32 5.12 -8.86
CA THR B 95 6.64 5.72 -8.84
C THR B 95 6.68 7.13 -9.44
N ASN B 96 5.98 7.32 -10.55
CA ASN B 96 5.91 8.64 -11.19
C ASN B 96 5.41 9.72 -10.26
N ASP B 97 4.58 9.36 -9.30
N ASP B 97 4.58 9.31 -9.31
CA ASP B 97 4.03 10.37 -8.40
CA ASP B 97 4.01 10.21 -8.33
C ASP B 97 5.06 10.96 -7.44
C ASP B 97 5.09 10.95 -7.54
N ILE B 98 6.10 10.20 -7.10
CA ILE B 98 7.18 10.80 -6.28
C ILE B 98 8.36 11.39 -7.06
N VAL B 99 8.53 11.01 -8.32
N VAL B 99 8.50 10.97 -8.32
CA VAL B 99 9.68 11.56 -9.06
CA VAL B 99 9.55 11.47 -9.20
C VAL B 99 9.45 13.03 -9.38
C VAL B 99 9.44 12.98 -9.35
N VAL B 100 8.20 13.47 -9.35
CA VAL B 100 7.90 14.88 -9.62
C VAL B 100 8.51 15.84 -8.60
N GLY B 102 11.50 15.24 -7.24
CA GLY B 102 12.93 15.02 -7.32
C GLY B 102 13.42 13.84 -6.50
N ALA B 103 12.49 13.07 -5.93
CA ALA B 103 12.88 11.91 -5.13
C ALA B 103 13.41 10.76 -6.00
N LYS B 104 14.43 10.07 -5.49
CA LYS B 104 14.93 8.87 -6.15
C LYS B 104 14.32 7.65 -5.48
N PRO B 105 13.53 6.88 -6.25
CA PRO B 105 12.92 5.67 -5.67
C PRO B 105 13.98 4.65 -5.25
N ILE B 106 13.71 4.01 -4.11
CA ILE B 106 14.57 3.02 -3.45
C ILE B 106 13.90 1.65 -3.28
N THR B 107 12.70 1.63 -2.68
CA THR B 107 12.01 0.36 -2.50
C THR B 107 10.58 0.34 -3.02
N PHE B 108 10.08 -0.86 -3.27
CA PHE B 108 8.70 -1.06 -3.70
C PHE B 108 8.12 -2.26 -2.95
N LEU B 109 6.85 -2.15 -2.54
CA LEU B 109 6.09 -3.31 -2.07
C LEU B 109 4.77 -3.38 -2.81
N ASP B 110 4.21 -4.57 -2.97
CA ASP B 110 2.93 -4.68 -3.70
C ASP B 110 1.96 -5.59 -2.97
N TYR B 111 0.69 -5.33 -3.21
CA TYR B 111 -0.40 -6.15 -2.69
C TYR B 111 -1.37 -6.45 -3.84
N VAL B 112 -1.67 -7.72 -4.03
CA VAL B 112 -2.60 -8.11 -5.05
C VAL B 112 -3.72 -8.93 -4.41
N ALA B 113 -4.95 -8.47 -4.60
CA ALA B 113 -6.13 -9.14 -4.06
C ALA B 113 -6.91 -9.71 -5.24
N HIS B 114 -7.47 -10.90 -5.05
CA HIS B 114 -8.12 -11.61 -6.15
C HIS B 114 -9.42 -12.20 -5.66
N ASP B 115 -10.36 -12.32 -6.59
CA ASP B 115 -11.54 -13.14 -6.39
C ASP B 115 -11.06 -14.57 -6.18
N LYS B 116 -10.34 -15.09 -7.16
CA LYS B 116 -9.79 -16.44 -7.09
C LYS B 116 -8.34 -16.41 -7.57
N LEU B 117 -7.42 -16.81 -6.71
CA LEU B 117 -5.99 -16.73 -7.03
C LEU B 117 -5.57 -17.73 -8.11
N ASP B 118 -5.00 -17.20 -9.19
CA ASP B 118 -4.45 -18.02 -10.25
C ASP B 118 -2.94 -17.78 -10.34
N PRO B 119 -2.15 -18.78 -9.97
CA PRO B 119 -0.68 -18.62 -9.87
C PRO B 119 -0.02 -18.21 -11.19
N ALA B 120 -0.55 -18.64 -12.32
CA ALA B 120 0.03 -18.25 -13.60
C ALA B 120 -0.06 -16.74 -13.77
N ILE B 121 -1.21 -16.18 -13.43
CA ILE B 121 -1.41 -14.74 -13.44
C ILE B 121 -0.47 -14.00 -12.50
N GLU B 123 2.39 -14.90 -11.38
N GLU B 123 2.39 -14.90 -11.39
CA GLU B 123 3.74 -14.95 -11.94
CA GLU B 123 3.75 -14.93 -11.92
C GLU B 123 3.96 -13.84 -12.95
C GLU B 123 3.96 -13.83 -12.95
N GLU B 124 2.97 -13.63 -13.82
CA GLU B 124 3.08 -12.63 -14.85
C GLU B 124 3.12 -11.22 -14.24
N LEU B 125 2.32 -10.99 -13.21
CA LEU B 125 2.30 -9.69 -12.55
C LEU B 125 3.65 -9.42 -11.89
N VAL B 126 4.19 -10.43 -11.22
CA VAL B 126 5.46 -10.29 -10.52
C VAL B 126 6.58 -10.06 -11.53
N LYS B 127 6.48 -10.73 -12.68
CA LYS B 127 7.46 -10.55 -13.73
C LYS B 127 7.51 -9.10 -14.18
N GLY B 128 6.34 -8.51 -14.40
CA GLY B 128 6.23 -7.12 -14.83
C GLY B 128 6.69 -6.12 -13.78
N SER B 130 8.75 -6.60 -11.35
CA SER B 130 10.20 -6.78 -11.13
C SER B 130 11.00 -6.14 -12.25
N LYS B 131 10.51 -6.26 -13.48
CA LYS B 131 11.19 -5.66 -14.62
C LYS B 131 11.27 -4.14 -14.42
N ALA B 132 10.16 -3.55 -14.00
CA ALA B 132 10.10 -2.10 -13.80
C ALA B 132 11.04 -1.67 -12.68
N CYS B 133 11.01 -2.43 -11.59
CA CYS B 133 11.90 -2.14 -10.46
C CYS B 133 13.37 -2.23 -10.88
N ALA B 134 13.71 -3.32 -11.54
CA ALA B 134 15.09 -3.61 -11.87
C ALA B 134 15.72 -2.55 -12.77
N GLU B 135 14.94 -2.05 -13.73
N GLU B 135 14.96 -2.06 -13.75
CA GLU B 135 15.49 -1.14 -14.75
CA GLU B 135 15.52 -1.14 -14.73
C GLU B 135 15.81 0.25 -14.21
C GLU B 135 15.90 0.20 -14.12
N CYS B 136 15.15 0.62 -13.12
CA CYS B 136 15.47 1.88 -12.42
C CYS B 136 16.19 1.83 -11.06
N GLY B 137 16.58 0.63 -10.62
CA GLY B 137 17.30 0.50 -9.36
C GLY B 137 16.47 0.47 -8.08
N VAL B 138 15.22 0.07 -8.20
CA VAL B 138 14.33 -0.08 -7.03
C VAL B 138 14.30 -1.54 -6.61
N SER B 139 14.46 -1.80 -5.31
CA SER B 139 14.45 -3.17 -4.82
C SER B 139 13.04 -3.50 -4.37
N LEU B 140 12.55 -4.67 -4.79
N LEU B 140 12.54 -4.66 -4.79
CA LEU B 140 11.20 -5.07 -4.41
CA LEU B 140 11.19 -5.05 -4.41
C LEU B 140 11.37 -5.85 -3.12
C LEU B 140 11.35 -5.84 -3.13
N VAL B 141 10.97 -5.22 -2.02
CA VAL B 141 11.31 -5.72 -0.69
C VAL B 141 10.21 -6.51 0.02
N GLY B 142 9.05 -6.63 -0.59
CA GLY B 142 8.01 -7.39 0.07
C GLY B 142 6.71 -7.28 -0.69
N GLY B 143 5.78 -8.15 -0.36
CA GLY B 143 4.47 -8.04 -0.96
C GLY B 143 3.55 -9.05 -0.33
N GLU B 144 2.29 -9.03 -0.74
CA GLU B 144 1.28 -9.89 -0.15
C GLU B 144 0.23 -10.16 -1.21
N THR B 145 -0.38 -11.35 -1.14
N THR B 145 -0.42 -11.33 -1.11
CA THR B 145 -1.53 -11.65 -1.98
CA THR B 145 -1.49 -11.72 -2.02
C THR B 145 -2.67 -11.98 -1.04
C THR B 145 -2.68 -12.27 -1.23
N ALA B 146 -3.89 -11.77 -1.51
CA ALA B 146 -5.05 -12.15 -0.73
C ALA B 146 -6.15 -12.64 -1.64
N GLU B 147 -6.81 -13.72 -1.23
CA GLU B 147 -7.94 -14.24 -1.97
C GLU B 147 -9.19 -13.94 -1.14
N PRO B 149 -13.13 -14.09 -1.91
CA PRO B 149 -14.19 -14.46 -2.85
C PRO B 149 -15.52 -13.68 -2.71
N GLY B 150 -15.87 -13.23 -1.50
CA GLY B 150 -17.13 -12.54 -1.31
C GLY B 150 -16.99 -11.04 -1.49
N VAL B 151 -15.78 -10.63 -1.85
CA VAL B 151 -15.38 -9.23 -1.97
C VAL B 151 -15.36 -8.80 -3.44
N TYR B 152 -14.56 -9.50 -4.22
CA TYR B 152 -14.49 -9.27 -5.67
C TYR B 152 -15.55 -9.96 -6.54
N GLN B 153 -15.91 -9.28 -7.62
CA GLN B 153 -16.69 -9.88 -8.70
C GLN B 153 -15.83 -10.92 -9.43
N ALA B 154 -16.49 -11.80 -10.17
CA ALA B 154 -15.82 -12.96 -10.75
C ALA B 154 -14.56 -12.57 -11.53
N GLY B 155 -13.43 -13.16 -11.17
CA GLY B 155 -12.20 -12.96 -11.91
C GLY B 155 -11.51 -11.63 -11.75
N GLU B 156 -12.13 -10.71 -11.02
CA GLU B 156 -11.56 -9.36 -10.88
C GLU B 156 -10.39 -9.31 -9.88
N ILE B 157 -9.53 -8.30 -10.01
CA ILE B 157 -8.42 -8.14 -9.08
C ILE B 157 -8.25 -6.67 -8.69
N ASP B 158 -7.55 -6.43 -7.60
CA ASP B 158 -7.09 -5.09 -7.26
C ASP B 158 -5.59 -5.14 -6.97
N VAL B 160 -2.20 -2.90 -5.57
CA VAL B 160 -1.79 -1.69 -4.86
C VAL B 160 -0.29 -1.74 -4.77
N GLY B 161 0.37 -0.60 -4.87
CA GLY B 161 1.80 -0.65 -4.73
C GLY B 161 2.24 0.59 -3.99
N VAL B 162 3.38 0.46 -3.31
N VAL B 162 3.39 0.46 -3.33
CA VAL B 162 3.87 1.58 -2.53
CA VAL B 162 3.91 1.53 -2.51
C VAL B 162 5.32 1.80 -2.87
C VAL B 162 5.35 1.80 -2.85
N ILE B 163 5.65 3.04 -3.22
CA ILE B 163 7.01 3.39 -3.55
C ILE B 163 7.58 4.19 -2.40
N THR B 164 8.85 3.96 -2.10
CA THR B 164 9.58 4.75 -1.14
C THR B 164 10.81 5.27 -1.87
N GLY B 165 11.13 6.54 -1.66
CA GLY B 165 12.26 7.16 -2.31
C GLY B 165 12.91 8.15 -1.36
N ILE B 166 14.05 8.68 -1.78
CA ILE B 166 14.82 9.64 -0.98
C ILE B 166 15.06 10.91 -1.76
N VAL B 167 14.94 12.05 -1.10
CA VAL B 167 15.29 13.32 -1.71
C VAL B 167 16.09 14.15 -0.71
N ASP B 168 17.08 14.89 -1.18
CA ASP B 168 17.82 15.75 -0.27
C ASP B 168 16.92 16.95 0.02
N ARG B 169 16.86 17.38 1.28
CA ARG B 169 15.91 18.42 1.68
C ARG B 169 15.94 19.64 0.77
N LYS B 170 17.15 20.08 0.45
CA LYS B 170 17.35 21.30 -0.34
C LYS B 170 16.89 21.11 -1.77
N ARG B 171 16.83 19.87 -2.22
CA ARG B 171 16.52 19.56 -3.62
C ARG B 171 15.05 19.24 -3.90
N ILE B 172 14.19 19.33 -2.90
CA ILE B 172 12.76 19.10 -3.12
C ILE B 172 12.21 20.07 -4.19
N ILE B 173 11.51 19.53 -5.19
CA ILE B 173 10.95 20.36 -6.25
C ILE B 173 9.45 20.49 -6.06
N ASN B 174 9.00 21.67 -5.63
CA ASN B 174 7.58 21.99 -5.47
C ASN B 174 6.85 22.93 -6.44
N GLY B 175 7.57 23.50 -7.41
CA GLY B 175 7.00 24.52 -8.31
C GLY B 175 6.96 25.96 -7.79
N GLU B 176 7.48 26.17 -6.59
N GLU B 176 7.49 26.18 -6.59
CA GLU B 176 7.41 27.49 -5.96
CA GLU B 176 7.40 27.49 -5.97
C GLU B 176 8.16 28.59 -6.71
C GLU B 176 8.15 28.59 -6.73
N ASN B 177 9.15 28.22 -7.52
CA ASN B 177 9.92 29.20 -8.30
C ASN B 177 9.43 29.41 -9.76
N ILE B 178 8.39 28.69 -10.15
CA ILE B 178 7.82 28.85 -11.48
C ILE B 178 7.34 30.28 -11.69
N LYS B 179 7.61 30.82 -12.87
CA LYS B 179 7.17 32.18 -13.19
C LYS B 179 6.59 32.27 -14.60
N GLU B 180 5.84 33.33 -14.85
CA GLU B 180 5.29 33.58 -16.17
C GLU B 180 6.44 33.56 -17.18
N GLY B 181 6.22 32.90 -18.32
CA GLY B 181 7.25 32.83 -19.35
C GLY B 181 8.11 31.57 -19.29
N ASP B 182 8.02 30.82 -18.20
CA ASP B 182 8.65 29.51 -18.14
C ASP B 182 7.99 28.63 -19.21
N ILE B 183 8.73 27.65 -19.68
CA ILE B 183 8.24 26.75 -20.72
C ILE B 183 7.67 25.46 -20.11
N VAL B 184 6.61 24.96 -20.71
CA VAL B 184 6.11 23.64 -20.37
C VAL B 184 6.61 22.63 -21.38
N PHE B 185 7.31 21.62 -20.88
CA PHE B 185 7.84 20.54 -21.70
C PHE B 185 7.03 19.30 -21.37
N GLY B 186 6.96 18.33 -22.29
CA GLY B 186 6.24 17.13 -21.91
C GLY B 186 6.91 15.91 -22.48
N LEU B 187 6.65 14.77 -21.84
CA LEU B 187 7.22 13.50 -22.27
C LEU B 187 6.06 12.64 -22.70
N SER B 188 6.20 11.97 -23.85
CA SER B 188 5.07 11.24 -24.41
C SER B 188 4.56 10.14 -23.49
N SER B 189 3.27 9.84 -23.59
CA SER B 189 2.72 8.66 -22.96
C SER B 189 2.56 7.56 -24.02
N SER B 190 2.21 6.38 -23.57
CA SER B 190 2.02 5.25 -24.47
C SER B 190 0.54 5.08 -24.80
N GLY B 191 -0.29 5.92 -24.20
CA GLY B 191 -1.71 5.64 -24.22
C GLY B 191 -2.38 6.22 -22.98
N LEU B 192 -3.48 5.59 -22.57
CA LEU B 192 -4.22 6.04 -21.40
C LEU B 192 -3.41 5.92 -20.13
N HIS B 193 -2.36 5.11 -20.17
CA HIS B 193 -1.58 4.80 -18.97
C HIS B 193 -2.43 4.09 -17.91
N THR B 194 -2.57 4.72 -16.77
CA THR B 194 -3.46 4.26 -15.68
C THR B 194 -4.80 4.95 -15.36
N ASN B 195 -5.25 5.88 -16.19
CA ASN B 195 -6.49 6.60 -15.89
C ASN B 195 -7.43 6.61 -17.08
N GLY B 196 -8.73 6.69 -16.80
CA GLY B 196 -9.71 6.82 -17.85
C GLY B 196 -10.23 5.51 -18.41
N TYR B 197 -9.88 4.40 -17.75
CA TYR B 197 -10.29 3.08 -18.23
C TYR B 197 -11.75 2.71 -17.97
N SER B 198 -12.36 3.37 -16.98
N SER B 198 -12.37 3.36 -16.99
CA SER B 198 -13.79 3.18 -16.75
CA SER B 198 -13.80 3.17 -16.77
C SER B 198 -14.54 3.68 -17.98
C SER B 198 -14.55 3.68 -18.00
N PHE B 199 -14.26 4.91 -18.39
CA PHE B 199 -14.83 5.48 -19.60
C PHE B 199 -14.51 4.60 -20.81
N ALA B 200 -13.24 4.23 -20.97
CA ALA B 200 -12.84 3.43 -22.11
C ALA B 200 -13.58 2.11 -22.17
N ARG B 201 -13.66 1.41 -21.05
CA ARG B 201 -14.32 0.11 -21.03
C ARG B 201 -15.80 0.24 -21.39
N LYS B 202 -16.45 1.27 -20.86
CA LYS B 202 -17.88 1.46 -21.14
C LYS B 202 -18.11 1.88 -22.59
N LEU B 203 -17.21 2.70 -23.12
CA LEU B 203 -17.33 3.17 -24.50
C LEU B 203 -17.21 2.01 -25.49
N PHE B 204 -16.14 1.24 -25.35
CA PHE B 204 -15.87 0.16 -26.27
C PHE B 204 -16.67 -1.10 -26.04
N PHE B 205 -16.71 -1.58 -24.80
CA PHE B 205 -17.38 -2.85 -24.53
C PHE B 205 -18.82 -2.91 -24.01
N ASP B 206 -19.33 -1.83 -23.44
CA ASP B 206 -20.73 -1.80 -23.02
C ASP B 206 -21.65 -1.39 -24.16
N VAL B 207 -21.19 -0.35 -24.85
CA VAL B 207 -22.03 0.42 -25.76
C VAL B 207 -21.82 -0.04 -27.19
N ALA B 208 -20.59 0.09 -27.67
CA ALA B 208 -20.26 -0.32 -29.04
C ALA B 208 -20.29 -1.84 -29.22
N GLY B 209 -20.46 -2.56 -28.11
CA GLY B 209 -20.61 -4.01 -28.15
C GLY B 209 -19.40 -4.72 -28.75
N ASN B 210 -18.26 -4.05 -28.71
CA ASN B 210 -17.00 -4.61 -29.17
C ASN B 210 -16.54 -5.76 -28.29
N LYS B 211 -15.63 -6.55 -28.83
CA LYS B 211 -14.85 -7.50 -28.05
C LYS B 211 -13.44 -6.96 -28.10
N HIS B 212 -12.63 -7.31 -27.12
CA HIS B 212 -11.28 -6.75 -27.00
C HIS B 212 -10.40 -7.09 -28.20
N THR B 213 -10.83 -8.09 -28.98
CA THR B 213 -10.08 -8.52 -30.16
C THR B 213 -10.46 -7.74 -31.43
N ASP B 214 -11.50 -6.90 -31.34
CA ASP B 214 -11.89 -6.05 -32.46
C ASP B 214 -10.84 -4.99 -32.75
N THR B 215 -10.89 -4.44 -33.97
CA THR B 215 -10.05 -3.30 -34.28
C THR B 215 -10.86 -2.17 -34.92
N TYR B 216 -10.20 -1.05 -35.18
CA TYR B 216 -10.85 0.14 -35.77
C TYR B 216 -9.88 0.76 -36.75
N PRO B 217 -10.37 1.61 -37.65
CA PRO B 217 -9.51 2.22 -38.67
C PRO B 217 -8.28 2.90 -38.06
N GLU B 218 -8.48 3.66 -36.98
CA GLU B 218 -7.38 4.36 -36.33
C GLU B 218 -6.25 3.44 -35.88
N LEU B 219 -6.60 2.18 -35.62
CA LEU B 219 -5.64 1.26 -35.00
C LEU B 219 -4.84 0.45 -36.00
N GLU B 220 -5.22 0.53 -37.27
CA GLU B 220 -4.53 -0.18 -38.35
C GLU B 220 -4.25 -1.65 -38.01
N GLY B 221 -5.28 -2.37 -37.59
CA GLY B 221 -5.16 -3.79 -37.36
C GLY B 221 -4.80 -4.18 -35.93
N LYS B 222 -4.33 -3.23 -35.13
CA LYS B 222 -4.04 -3.52 -33.73
C LYS B 222 -5.35 -3.65 -32.98
N THR B 223 -5.44 -4.63 -32.08
CA THR B 223 -6.69 -4.83 -31.37
C THR B 223 -6.92 -3.73 -30.32
N ILE B 224 -8.18 -3.43 -30.06
N ILE B 224 -8.18 -3.45 -30.03
CA ILE B 224 -8.54 -2.49 -28.99
CA ILE B 224 -8.53 -2.46 -29.01
C ILE B 224 -7.84 -2.90 -27.70
C ILE B 224 -7.98 -2.87 -27.63
N GLY B 225 -7.95 -4.17 -27.35
CA GLY B 225 -7.37 -4.66 -26.10
C GLY B 225 -5.88 -4.37 -25.99
N ASP B 226 -5.14 -4.63 -27.06
CA ASP B 226 -3.70 -4.43 -27.04
C ASP B 226 -3.33 -2.96 -26.88
N VAL B 227 -4.00 -2.10 -27.63
N VAL B 227 -4.00 -2.08 -27.63
CA VAL B 227 -3.76 -0.66 -27.57
CA VAL B 227 -3.70 -0.66 -27.53
C VAL B 227 -4.08 -0.11 -26.17
C VAL B 227 -4.09 -0.08 -26.17
N LEU B 228 -5.17 -0.59 -25.58
CA LEU B 228 -5.55 -0.18 -24.23
C LEU B 228 -4.55 -0.64 -23.19
N LEU B 229 -3.94 -1.82 -23.42
CA LEU B 229 -3.10 -2.40 -22.37
C LEU B 229 -1.62 -2.01 -22.45
N GLU B 230 -1.24 -1.14 -23.38
CA GLU B 230 0.14 -0.68 -23.40
C GLU B 230 0.48 -0.12 -22.01
N PRO B 231 1.68 -0.40 -21.52
CA PRO B 231 2.04 -0.07 -20.14
C PRO B 231 2.24 1.42 -19.86
N HIS B 232 1.84 1.85 -18.68
CA HIS B 232 2.14 3.20 -18.15
C HIS B 232 3.65 3.36 -18.16
N ILE B 233 4.15 4.40 -18.83
N ILE B 233 4.13 4.42 -18.81
CA ILE B 233 5.59 4.60 -18.96
CA ILE B 233 5.57 4.66 -18.93
C ILE B 233 6.22 5.01 -17.64
C ILE B 233 6.22 4.99 -17.60
N ASN B 234 7.40 4.43 -17.35
CA ASN B 234 8.15 4.73 -16.12
C ASN B 234 9.11 5.86 -16.42
N TYR B 235 8.88 7.02 -15.81
CA TYR B 235 9.68 8.22 -16.11
C TYR B 235 10.88 8.39 -15.21
N THR B 236 11.12 7.43 -14.31
CA THR B 236 12.16 7.56 -13.30
C THR B 236 13.51 7.89 -13.91
N ASN B 237 13.95 7.07 -14.86
CA ASN B 237 15.31 7.22 -15.36
C ASN B 237 15.56 8.55 -16.10
N ILE B 238 14.64 8.95 -16.97
CA ILE B 238 14.85 10.19 -17.72
C ILE B 238 14.82 11.40 -16.79
N ILE B 239 13.91 11.40 -15.81
CA ILE B 239 13.85 12.54 -14.89
C ILE B 239 15.15 12.66 -14.09
N HIS B 240 15.66 11.53 -13.61
CA HIS B 240 16.88 11.62 -12.82
C HIS B 240 18.12 11.90 -13.65
N ASP B 241 18.06 11.52 -14.92
CA ASP B 241 19.09 11.91 -15.88
C ASP B 241 19.09 13.44 -16.04
N PHE B 242 17.91 14.01 -16.27
CA PHE B 242 17.78 15.47 -16.32
C PHE B 242 18.34 16.11 -15.03
N LEU B 243 17.85 15.65 -13.88
CA LEU B 243 18.20 16.28 -12.61
C LEU B 243 19.68 16.17 -12.27
N ASP B 244 20.28 15.02 -12.57
CA ASP B 244 21.67 14.76 -12.13
C ASP B 244 22.66 15.45 -13.04
N ASN B 245 22.20 15.74 -14.23
CA ASN B 245 23.01 16.38 -15.28
C ASN B 245 22.86 17.90 -15.48
N GLY B 246 22.14 18.54 -14.58
CA GLY B 246 22.12 19.99 -14.53
C GLY B 246 20.93 20.69 -15.14
N VAL B 247 19.86 19.94 -15.42
CA VAL B 247 18.65 20.60 -15.89
C VAL B 247 17.97 21.24 -14.70
N ASP B 248 17.67 22.53 -14.78
CA ASP B 248 17.10 23.20 -13.64
C ASP B 248 15.60 23.06 -13.86
N ILE B 249 15.00 22.15 -13.11
CA ILE B 249 13.60 21.84 -13.27
C ILE B 249 12.86 22.54 -12.14
N LYS B 250 11.97 23.46 -12.49
CA LYS B 250 11.21 24.23 -11.50
C LYS B 250 9.99 23.51 -10.95
N GLY B 251 9.47 22.53 -11.68
CA GLY B 251 8.32 21.78 -11.22
C GLY B 251 7.90 20.71 -12.22
N ALA B 253 4.49 17.78 -13.23
CA ALA B 253 3.16 17.26 -12.96
C ALA B 253 2.97 15.97 -13.77
N HIS B 254 2.69 14.89 -13.06
CA HIS B 254 2.40 13.60 -13.66
C HIS B 254 0.96 13.72 -14.13
N ILE B 255 0.71 13.41 -15.40
CA ILE B 255 -0.62 13.63 -15.96
C ILE B 255 -1.40 12.34 -15.81
N THR B 256 -2.34 12.40 -14.88
CA THR B 256 -3.10 11.26 -14.38
C THR B 256 -4.53 11.75 -14.55
N GLY B 257 -5.49 11.13 -13.88
CA GLY B 257 -6.87 11.54 -14.09
C GLY B 257 -6.99 13.06 -14.06
N GLY B 258 -7.84 13.59 -14.94
CA GLY B 258 -8.08 15.02 -14.99
C GLY B 258 -7.23 15.75 -16.00
N GLY B 259 -6.36 15.02 -16.70
CA GLY B 259 -5.59 15.59 -17.80
C GLY B 259 -4.75 16.80 -17.39
N PHE B 260 -4.44 17.66 -18.34
CA PHE B 260 -3.64 18.84 -18.05
C PHE B 260 -4.32 19.75 -17.02
N ILE B 261 -5.59 20.08 -17.26
CA ILE B 261 -6.28 21.04 -16.41
C ILE B 261 -6.34 20.67 -14.93
N GLU B 262 -6.48 19.38 -14.62
CA GLU B 262 -6.53 18.98 -13.22
C GLU B 262 -5.15 18.91 -12.57
N ASN B 263 -4.18 18.37 -13.31
CA ASN B 263 -2.85 18.13 -12.79
C ASN B 263 -1.84 19.29 -12.74
N ILE B 264 -1.81 20.11 -13.79
CA ILE B 264 -0.81 21.17 -13.83
C ILE B 264 -0.96 22.24 -12.73
N PRO B 265 -2.20 22.69 -12.45
CA PRO B 265 -2.39 23.74 -11.45
C PRO B 265 -1.82 23.39 -10.08
N ARG B 266 -1.79 22.11 -9.74
CA ARG B 266 -1.30 21.71 -8.42
C ARG B 266 0.13 22.19 -8.17
N VAL B 267 0.92 22.31 -9.23
CA VAL B 267 2.31 22.76 -9.09
C VAL B 267 2.52 24.25 -9.37
N LEU B 268 1.46 24.95 -9.78
CA LEU B 268 1.60 26.36 -10.15
C LEU B 268 1.34 27.32 -9.00
N PRO B 269 2.27 28.28 -8.80
CA PRO B 269 2.05 29.35 -7.82
C PRO B 269 0.73 30.07 -8.07
N GLN B 270 0.16 30.64 -7.01
CA GLN B 270 -1.14 31.31 -7.12
C GLN B 270 -1.15 32.35 -8.25
N GLY B 271 -2.20 32.31 -9.06
CA GLY B 271 -2.41 33.28 -10.12
C GLY B 271 -1.87 32.86 -11.47
N LEU B 272 -0.90 31.95 -11.47
CA LEU B 272 -0.32 31.47 -12.73
C LEU B 272 -1.22 30.45 -13.41
N GLY B 273 -1.00 30.29 -14.71
CA GLY B 273 -1.82 29.44 -15.53
C GLY B 273 -0.88 28.87 -16.56
N ALA B 274 -1.40 28.02 -17.44
CA ALA B 274 -0.58 27.45 -18.49
C ALA B 274 -1.34 27.47 -19.80
N GLN B 275 -0.62 27.69 -20.89
N GLN B 275 -0.60 27.64 -20.89
CA GLN B 275 -1.20 27.50 -22.21
CA GLN B 275 -1.16 27.54 -22.23
C GLN B 275 -0.47 26.36 -22.91
C GLN B 275 -0.46 26.39 -22.96
N ILE B 276 -1.23 25.35 -23.30
CA ILE B 276 -0.67 24.19 -23.99
C ILE B 276 -1.03 24.23 -25.47
N ASP B 277 -0.03 24.04 -26.33
N ASP B 277 -0.03 24.05 -26.33
CA ASP B 277 -0.26 24.00 -27.77
CA ASP B 277 -0.29 24.02 -27.76
C ASP B 277 -0.55 22.56 -28.14
C ASP B 277 -0.55 22.58 -28.15
N LYS B 278 -1.81 22.29 -28.50
CA LYS B 278 -2.25 20.91 -28.69
C LYS B 278 -1.59 20.25 -29.90
N ASP B 279 -1.11 21.06 -30.83
CA ASP B 279 -0.52 20.53 -32.04
C ASP B 279 0.96 20.22 -31.88
N SER B 280 1.53 20.58 -30.73
CA SER B 280 2.97 20.46 -30.53
C SER B 280 3.47 19.05 -30.23
N PHE B 281 2.55 18.11 -30.01
CA PHE B 281 2.94 16.74 -29.68
C PHE B 281 1.97 15.79 -30.36
N ALA B 282 2.39 14.54 -30.52
CA ALA B 282 1.55 13.55 -31.17
C ALA B 282 0.50 13.03 -30.21
N THR B 283 -0.71 12.78 -30.70
CA THR B 283 -1.72 12.13 -29.88
C THR B 283 -1.88 10.67 -30.32
N PRO B 284 -1.64 9.72 -29.41
CA PRO B 284 -1.80 8.31 -29.76
C PRO B 284 -3.18 8.00 -30.35
N ALA B 285 -3.22 7.04 -31.26
CA ALA B 285 -4.42 6.71 -32.01
C ALA B 285 -5.61 6.43 -31.10
N ILE B 286 -5.35 5.82 -29.95
CA ILE B 286 -6.46 5.43 -29.06
C ILE B 286 -7.29 6.63 -28.63
N PHE B 287 -6.64 7.76 -28.41
CA PHE B 287 -7.37 8.97 -28.04
C PHE B 287 -8.21 9.50 -29.21
N LYS B 288 -7.65 9.49 -30.42
CA LYS B 288 -8.41 9.94 -31.57
C LYS B 288 -9.62 9.03 -31.78
N LEU B 289 -9.43 7.74 -31.53
CA LEU B 289 -10.52 6.79 -31.69
C LEU B 289 -11.63 7.08 -30.68
N GLN B 291 -12.27 9.78 -29.06
CA GLN B 291 -12.86 11.06 -29.41
C GLN B 291 -13.96 10.90 -30.47
N ARG B 292 -13.69 10.11 -31.51
CA ARG B 292 -14.67 9.90 -32.58
C ARG B 292 -15.87 9.06 -32.12
N ILE B 293 -15.59 7.90 -31.53
CA ILE B 293 -16.66 7.00 -31.10
C ILE B 293 -17.54 7.65 -30.05
N GLY B 294 -16.95 8.38 -29.12
CA GLY B 294 -17.72 9.05 -28.08
C GLY B 294 -18.23 10.43 -28.46
N ASP B 295 -17.88 10.89 -29.66
CA ASP B 295 -18.22 12.24 -30.12
C ASP B 295 -17.91 13.29 -29.05
N ILE B 296 -16.71 13.20 -28.51
CA ILE B 296 -16.24 14.09 -27.46
C ILE B 296 -15.58 15.28 -28.11
N SER B 297 -15.91 16.48 -27.65
CA SER B 297 -15.27 17.66 -28.22
C SER B 297 -13.78 17.62 -27.89
N GLU B 298 -12.96 18.18 -28.77
CA GLU B 298 -11.53 18.27 -28.50
C GLU B 298 -11.28 18.98 -27.18
N PHE B 299 -12.07 20.01 -26.93
CA PHE B 299 -12.06 20.71 -25.65
C PHE B 299 -12.18 19.73 -24.47
N GLU B 300 -13.16 18.84 -24.51
CA GLU B 300 -13.40 17.89 -23.42
C GLU B 300 -12.27 16.88 -23.33
N TYR B 302 -9.07 17.11 -23.88
CA TYR B 302 -7.88 17.62 -23.20
C TYR B 302 -8.09 17.85 -21.72
N ARG B 303 -9.34 17.99 -21.32
CA ARG B 303 -9.64 18.07 -19.91
C ARG B 303 -9.70 16.71 -19.21
N SER B 304 -10.12 15.65 -19.93
CA SER B 304 -10.18 14.31 -19.33
C SER B 304 -9.07 13.28 -19.60
N PHE B 305 -8.12 13.55 -20.49
CA PHE B 305 -7.15 12.51 -20.89
C PHE B 305 -5.78 13.11 -21.07
N ASN B 306 -4.74 12.27 -21.03
CA ASN B 306 -3.39 12.80 -21.15
C ASN B 306 -3.06 13.23 -22.58
N GLY B 308 -1.53 12.02 -24.96
CA GLY B 308 -0.19 11.78 -25.48
C GLY B 308 0.96 12.30 -24.64
N ILE B 309 0.66 13.02 -23.56
CA ILE B 309 1.72 13.48 -22.65
C ILE B 309 1.53 12.93 -21.24
N GLY B 310 2.46 12.09 -20.78
CA GLY B 310 2.31 11.46 -19.48
C GLY B 310 2.94 12.25 -18.35
N THR B 312 4.69 16.28 -17.41
CA THR B 312 5.06 17.64 -17.78
C THR B 312 6.20 18.12 -16.92
N ILE B 313 7.06 18.94 -17.52
N ILE B 313 7.09 18.90 -17.52
CA ILE B 313 8.23 19.47 -16.84
CA ILE B 313 8.20 19.47 -16.78
C ILE B 313 8.29 20.96 -17.10
C ILE B 313 8.27 20.96 -17.08
N ILE B 314 8.38 21.76 -16.04
CA ILE B 314 8.42 23.21 -16.21
C ILE B 314 9.82 23.73 -15.91
N ALA B 315 10.38 24.44 -16.89
CA ALA B 315 11.74 24.95 -16.82
C ALA B 315 11.86 26.12 -17.78
N SER B 316 12.89 26.94 -17.60
N SER B 316 12.88 26.95 -17.60
CA SER B 316 13.11 28.05 -18.51
CA SER B 316 13.11 28.05 -18.51
C SER B 316 13.51 27.53 -19.90
C SER B 316 13.49 27.53 -19.90
N GLN B 317 13.23 28.35 -20.91
CA GLN B 317 13.49 27.97 -22.31
C GLN B 317 14.91 27.47 -22.51
N ASP B 318 15.87 28.08 -21.82
CA ASP B 318 17.28 27.76 -22.03
C ASP B 318 17.71 26.37 -21.52
N GLN B 319 16.79 25.67 -20.85
CA GLN B 319 17.07 24.29 -20.43
C GLN B 319 16.81 23.26 -21.53
N PHE B 320 16.14 23.67 -22.59
CA PHE B 320 15.74 22.73 -23.64
C PHE B 320 16.94 22.01 -24.29
N ASP B 321 17.99 22.76 -24.59
CA ASP B 321 19.16 22.18 -25.26
C ASP B 321 19.72 20.97 -24.48
N LYS B 322 19.95 21.17 -23.19
CA LYS B 322 20.49 20.08 -22.38
C LYS B 322 19.48 18.94 -22.32
N GLN B 324 17.22 18.02 -24.51
CA GLN B 324 17.19 17.25 -25.75
C GLN B 324 18.41 16.36 -25.90
N GLU B 325 19.56 16.87 -25.50
CA GLU B 325 20.80 16.08 -25.53
C GLU B 325 20.66 14.85 -24.64
N LEU B 326 20.15 15.06 -23.43
CA LEU B 326 20.03 13.97 -22.46
C LEU B 326 18.93 12.98 -22.84
N ALA B 327 17.88 13.47 -23.49
CA ALA B 327 16.72 12.61 -23.76
C ALA B 327 17.02 11.53 -24.79
N LYS B 328 18.03 11.75 -25.62
CA LYS B 328 18.27 10.87 -26.77
C LYS B 328 18.36 9.39 -26.41
N LYS B 329 19.04 9.10 -25.31
CA LYS B 329 19.28 7.71 -24.91
C LYS B 329 18.01 7.05 -24.38
N HIS B 330 17.00 7.85 -24.03
CA HIS B 330 15.80 7.26 -23.45
C HIS B 330 14.82 7.03 -24.59
N THR B 331 14.63 5.75 -24.93
CA THR B 331 13.85 5.40 -26.12
C THR B 331 12.41 5.03 -25.84
N ASN B 332 12.00 5.08 -24.58
CA ASN B 332 10.63 4.73 -24.26
C ASN B 332 9.67 5.90 -24.19
N THR B 333 10.22 7.10 -24.37
CA THR B 333 9.43 8.33 -24.33
C THR B 333 10.08 9.34 -25.26
N LYS B 334 9.30 10.32 -25.72
CA LYS B 334 9.82 11.40 -26.56
C LYS B 334 9.59 12.72 -25.86
N LEU B 335 10.58 13.60 -25.97
CA LEU B 335 10.52 14.92 -25.36
C LEU B 335 9.94 15.95 -26.34
N TYR B 336 9.00 16.76 -25.87
CA TYR B 336 8.42 17.83 -26.66
C TYR B 336 8.45 19.13 -25.87
N GLN B 337 8.51 20.26 -26.57
CA GLN B 337 8.17 21.55 -25.97
C GLN B 337 6.70 21.84 -26.29
N ILE B 338 5.85 21.75 -25.27
CA ILE B 338 4.41 21.87 -25.46
C ILE B 338 3.65 23.15 -25.08
N GLY B 339 4.32 24.14 -24.47
CA GLY B 339 3.54 25.28 -24.00
C GLY B 339 4.31 26.22 -23.10
N LYS B 340 3.58 27.07 -22.39
CA LYS B 340 4.24 28.06 -21.54
C LYS B 340 3.36 28.47 -20.37
N ILE B 341 4.01 28.99 -19.33
CA ILE B 341 3.31 29.44 -18.13
C ILE B 341 2.84 30.86 -18.34
N THR B 342 1.59 31.12 -17.97
CA THR B 342 0.99 32.44 -18.16
C THR B 342 0.50 32.97 -16.83
N ASN B 343 -0.05 34.18 -16.85
CA ASN B 343 -0.70 34.77 -15.69
C ASN B 343 -2.21 34.57 -15.66
N SER B 344 -2.72 33.75 -16.57
CA SER B 344 -4.16 33.54 -16.73
C SER B 344 -4.86 32.93 -15.51
N GLY B 345 -4.12 32.20 -14.69
CA GLY B 345 -4.68 31.50 -13.56
C GLY B 345 -5.43 30.22 -13.94
N LYS B 346 -5.41 29.90 -15.23
CA LYS B 346 -6.12 28.74 -15.75
C LYS B 346 -5.21 27.95 -16.68
N VAL B 347 -5.57 26.70 -16.93
CA VAL B 347 -4.88 25.93 -17.95
C VAL B 347 -5.74 25.94 -19.20
N GLU B 348 -5.17 26.43 -20.30
CA GLU B 348 -5.92 26.51 -21.55
C GLU B 348 -5.21 25.77 -22.68
N ILE B 349 -6.01 25.11 -23.52
CA ILE B 349 -5.49 24.40 -24.68
C ILE B 349 -5.76 25.22 -25.93
N ILE B 350 -4.71 25.50 -26.69
CA ILE B 350 -4.85 26.29 -27.92
C ILE B 350 -4.33 25.53 -29.12
#